data_2ACX
#
_entry.id   2ACX
#
_cell.length_a   120.164
_cell.length_b   59.270
_cell.length_c   221.095
_cell.angle_alpha   90.00
_cell.angle_beta   102.58
_cell.angle_gamma   90.00
#
_symmetry.space_group_name_H-M   'C 1 2 1'
#
loop_
_entity.id
_entity.type
_entity.pdbx_description
1 polymer 'G protein-coupled receptor kinase 6'
2 non-polymer 'MAGNESIUM ION'
3 non-polymer 'PHOSPHATE ION'
4 non-polymer 'PHOSPHOAMINOPHOSPHONIC ACID-ADENYLATE ESTER'
5 water water
#
_entity_poly.entity_id   1
_entity_poly.type   'polypeptide(L)'
_entity_poly.pdbx_seq_one_letter_code
;MELENIVANTVLLKAREGGGGNRKGKSKKWRQMLQFPHISQCEELRLSLERDYHSLCERNPIGRLLFREFCATRPELSRC
VAFLDGVAEYEVTPDDKRKACGRNLTQNFLSHTGPDLIPEVPRQLVTNCTQRLEQGPCKDLFQELTRLTHEYLSVAPFAD
YLDSIYFNRFLQWKWLERQPVTKNTFRQYRVLGKGGFGEVCACQVRATGKMYACKKLEKKRIKKRKGEAMALNEKQILEK
VNSRFVVSLAYAYETKDALCLVLTLMNGGDLKFHIYHMGQAGFPEARAVFYAAEICCGLEDLHRERIVYRDLKPENILLD
DHGHIRISDLGLAVHVPEGQTIKGRVGTVGYMAPEVVKNERYTFSPDWWALGCLLYEMIAGQSPFQQRKKKIKREEVERL
VKEVPEEYSERFSPQARSLCSQLLCKDPAERLGCRGGSAREVKEHPLFKKLNFKRLGAGMLEPPFKPDPQAIYCKDVLDI
EQFSTVKGVELEPTDQDFYQKFATGSVPIPWQNEMVETECFQELNVFGLDGSVPPDLDWKGQPPAPPKKGLLQRLFSRQD
SSGNSSDSEEELPTRL
;
_entity_poly.pdbx_strand_id   A,B
#
# COMPACT_ATOMS: atom_id res chain seq x y z
N LYS A 14 -13.52 3.35 25.46
CA LYS A 14 -14.81 2.81 26.00
C LYS A 14 -14.77 1.27 25.99
N ALA A 15 -14.82 0.67 27.18
CA ALA A 15 -14.48 -0.77 27.39
C ALA A 15 -15.66 -1.79 27.39
N ARG A 16 -15.30 -3.09 27.23
CA ARG A 16 -16.23 -4.25 27.32
C ARG A 16 -15.47 -5.53 27.76
N LYS A 24 -7.65 -11.76 18.19
CA LYS A 24 -6.71 -12.44 19.10
C LYS A 24 -6.41 -11.58 20.36
N GLY A 25 -7.47 -11.26 21.14
CA GLY A 25 -7.39 -10.34 22.29
C GLY A 25 -7.66 -8.89 21.92
N LYS A 26 -7.50 -8.55 20.64
CA LYS A 26 -7.69 -7.20 20.15
C LYS A 26 -9.12 -6.78 20.44
N SER A 27 -9.27 -5.55 20.88
CA SER A 27 -10.56 -4.93 20.95
C SER A 27 -11.30 -4.96 19.61
N LYS A 28 -12.63 -5.03 19.62
CA LYS A 28 -13.39 -4.88 18.38
C LYS A 28 -13.16 -3.53 17.74
N LYS A 29 -12.82 -2.52 18.53
CA LYS A 29 -12.53 -1.18 18.03
C LYS A 29 -11.08 -0.96 17.51
N TRP A 30 -10.32 -2.03 17.35
CA TRP A 30 -8.88 -1.84 17.17
C TRP A 30 -8.48 -1.04 15.94
N ARG A 31 -9.23 -1.20 14.87
CA ARG A 31 -8.96 -0.49 13.67
C ARG A 31 -9.14 1.02 13.84
N GLN A 32 -10.11 1.43 14.66
CA GLN A 32 -10.28 2.87 14.91
C GLN A 32 -9.23 3.43 15.87
N MET A 33 -8.82 2.63 16.85
CA MET A 33 -7.79 3.06 17.79
C MET A 33 -6.46 3.31 17.08
N LEU A 34 -6.19 2.51 16.06
CA LEU A 34 -5.01 2.67 15.21
C LEU A 34 -5.20 3.40 13.88
N GLN A 35 -6.36 4.02 13.67
CA GLN A 35 -6.64 4.76 12.47
C GLN A 35 -5.54 5.81 12.23
N PHE A 36 -5.05 5.86 10.99
CA PHE A 36 -3.94 6.73 10.66
C PHE A 36 -4.31 8.22 10.71
N PRO A 37 -3.35 9.10 10.96
CA PRO A 37 -3.61 10.52 10.90
C PRO A 37 -3.68 11.02 9.47
N HIS A 38 -4.10 12.26 9.24
CA HIS A 38 -3.95 12.92 7.98
C HIS A 38 -2.48 13.18 7.72
N ILE A 39 -2.08 13.33 6.47
CA ILE A 39 -0.64 13.56 6.16
C ILE A 39 -0.17 14.91 6.73
N SER A 40 -1.03 15.92 6.65
CA SER A 40 -0.69 17.25 7.13
C SER A 40 -0.40 17.15 8.60
N GLN A 41 -1.15 16.34 9.32
CA GLN A 41 -0.86 16.10 10.75
C GLN A 41 0.55 15.58 10.99
N CYS A 42 1.22 15.04 9.98
CA CYS A 42 2.58 14.54 10.17
C CYS A 42 3.68 15.51 9.82
N GLU A 43 3.36 16.77 9.56
CA GLU A 43 4.36 17.65 8.98
C GLU A 43 5.37 18.10 10.03
N GLU A 44 4.90 18.54 11.19
CA GLU A 44 5.85 19.01 12.18
C GLU A 44 6.73 17.84 12.52
N LEU A 45 6.11 16.68 12.65
CA LEU A 45 6.82 15.47 12.91
C LEU A 45 7.89 15.19 11.88
N ARG A 46 7.61 15.35 10.60
CA ARG A 46 8.69 15.17 9.64
C ARG A 46 9.81 15.98 10.20
N LEU A 47 9.72 17.32 10.10
CA LEU A 47 10.83 18.23 10.44
C LEU A 47 11.46 17.97 11.80
N SER A 48 10.66 17.61 12.78
CA SER A 48 11.13 17.20 14.11
C SER A 48 12.14 16.07 14.10
N LEU A 49 11.99 15.13 13.18
CA LEU A 49 12.77 13.87 13.28
C LEU A 49 14.16 14.00 12.71
N GLU A 50 15.04 13.19 13.29
CA GLU A 50 16.44 13.22 12.97
C GLU A 50 16.75 12.40 11.74
N ARG A 51 17.44 13.01 10.81
CA ARG A 51 17.66 12.37 9.54
C ARG A 51 18.78 11.33 9.58
N ASP A 52 18.56 10.19 10.25
CA ASP A 52 19.59 9.21 10.44
C ASP A 52 19.21 7.84 9.90
N TYR A 53 19.90 7.40 8.88
CA TYR A 53 19.57 6.15 8.23
C TYR A 53 19.57 4.98 9.14
N HIS A 54 20.61 4.83 9.94
CA HIS A 54 20.73 3.61 10.77
C HIS A 54 19.49 3.41 11.66
N SER A 55 19.01 4.49 12.22
CA SER A 55 17.84 4.45 13.04
C SER A 55 16.58 4.19 12.23
N LEU A 56 16.36 5.05 11.23
CA LEU A 56 15.13 5.04 10.43
C LEU A 56 14.91 3.82 9.56
N CYS A 57 16.00 3.19 9.14
CA CYS A 57 15.94 2.11 8.16
C CYS A 57 16.54 0.82 8.64
N GLU A 58 17.23 0.81 9.78
CA GLU A 58 17.63 -0.48 10.40
C GLU A 58 17.10 -0.74 11.81
N ARG A 59 17.28 0.19 12.75
CA ARG A 59 16.88 -0.09 14.14
C ARG A 59 15.37 -0.05 14.38
N ASN A 60 14.66 1.01 13.89
CA ASN A 60 13.21 1.15 14.12
C ASN A 60 12.60 -0.03 13.30
N PRO A 61 12.03 -1.07 13.92
CA PRO A 61 11.50 -2.19 13.15
C PRO A 61 10.55 -1.85 12.03
N ILE A 62 9.63 -0.92 12.23
CA ILE A 62 8.71 -0.53 11.17
C ILE A 62 9.41 0.33 10.06
N GLY A 63 10.37 1.16 10.42
CA GLY A 63 11.14 1.88 9.44
C GLY A 63 11.95 0.94 8.57
N ARG A 64 12.55 -0.05 9.20
CA ARG A 64 13.22 -1.11 8.48
C ARG A 64 12.27 -1.75 7.50
N LEU A 65 11.11 -2.17 7.92
CA LEU A 65 10.20 -2.85 6.97
C LEU A 65 9.78 -1.95 5.80
N LEU A 66 9.46 -0.70 6.08
CA LEU A 66 9.02 0.20 5.04
C LEU A 66 10.17 0.49 4.11
N PHE A 67 11.35 0.71 4.64
CA PHE A 67 12.51 0.87 3.79
C PHE A 67 12.68 -0.36 2.92
N ARG A 68 12.47 -1.54 3.47
CA ARG A 68 12.59 -2.69 2.60
C ARG A 68 11.51 -2.74 1.54
N GLU A 69 10.34 -2.19 1.80
CA GLU A 69 9.27 -2.29 0.84
C GLU A 69 9.56 -1.31 -0.24
N PHE A 70 10.12 -0.17 0.13
CA PHE A 70 10.63 0.77 -0.89
C PHE A 70 11.65 0.11 -1.80
N CYS A 71 12.64 -0.53 -1.20
CA CYS A 71 13.65 -1.27 -1.96
C CYS A 71 13.08 -2.30 -2.90
N ALA A 72 11.95 -2.89 -2.55
CA ALA A 72 11.42 -3.93 -3.36
C ALA A 72 10.95 -3.41 -4.71
N THR A 73 10.80 -2.11 -4.86
CA THR A 73 10.26 -1.59 -6.10
C THR A 73 11.32 -1.52 -7.17
N ARG A 74 12.58 -1.55 -6.76
CA ARG A 74 13.68 -1.31 -7.66
C ARG A 74 14.68 -2.48 -7.59
N PRO A 75 14.94 -3.16 -8.72
CA PRO A 75 15.70 -4.43 -8.67
C PRO A 75 17.09 -4.28 -8.06
N GLU A 76 17.76 -3.15 -8.27
CA GLU A 76 19.09 -2.97 -7.72
C GLU A 76 19.03 -2.88 -6.20
N LEU A 77 18.06 -2.13 -5.66
CA LEU A 77 17.95 -2.00 -4.20
C LEU A 77 17.56 -3.32 -3.58
N SER A 78 16.67 -4.01 -4.24
CA SER A 78 16.21 -5.30 -3.76
C SER A 78 17.28 -6.43 -3.80
N ARG A 79 18.28 -6.34 -4.67
CA ARG A 79 19.36 -7.31 -4.60
C ARG A 79 20.22 -7.07 -3.36
N CYS A 80 20.43 -5.80 -3.01
CA CYS A 80 21.19 -5.47 -1.82
C CYS A 80 20.55 -6.04 -0.59
N VAL A 81 19.22 -5.86 -0.48
CA VAL A 81 18.51 -6.40 0.67
C VAL A 81 18.60 -7.91 0.65
N ALA A 82 18.50 -8.53 -0.52
CA ALA A 82 18.58 -9.96 -0.59
C ALA A 82 19.93 -10.42 -0.07
N PHE A 83 20.97 -9.67 -0.44
CA PHE A 83 22.31 -9.95 0.01
C PHE A 83 22.44 -9.86 1.50
N LEU A 84 21.99 -8.76 2.09
CA LEU A 84 21.98 -8.57 3.57
C LEU A 84 21.21 -9.71 4.31
N ASP A 85 20.01 -10.03 3.87
CA ASP A 85 19.32 -11.25 4.33
C ASP A 85 20.18 -12.50 4.14
N GLY A 86 20.93 -12.57 3.05
CA GLY A 86 21.78 -13.74 2.78
C GLY A 86 22.83 -13.92 3.82
N VAL A 87 23.43 -12.80 4.22
CA VAL A 87 24.51 -12.80 5.16
C VAL A 87 24.03 -13.07 6.59
N ALA A 88 22.97 -12.36 6.99
CA ALA A 88 22.28 -12.64 8.25
C ALA A 88 22.03 -14.14 8.44
N GLU A 89 21.51 -14.77 7.39
CA GLU A 89 21.27 -16.22 7.36
C GLU A 89 22.54 -16.99 7.49
N TYR A 90 23.58 -16.58 6.79
CA TYR A 90 24.85 -17.30 6.83
C TYR A 90 25.46 -17.25 8.24
N GLU A 91 25.32 -16.09 8.88
CA GLU A 91 25.85 -15.86 10.22
C GLU A 91 25.27 -16.82 11.28
N VAL A 92 24.02 -17.24 11.13
CA VAL A 92 23.41 -18.16 12.06
C VAL A 92 23.37 -19.62 11.59
N THR A 93 24.12 -19.94 10.55
CA THR A 93 24.04 -21.24 9.91
C THR A 93 24.99 -22.18 10.60
N PRO A 94 24.53 -23.36 11.03
CA PRO A 94 25.43 -24.30 11.72
C PRO A 94 26.75 -24.58 10.98
N ASP A 95 27.82 -24.83 11.75
CA ASP A 95 29.21 -24.97 11.23
C ASP A 95 29.33 -25.86 9.97
N ASP A 96 28.60 -26.98 9.97
CA ASP A 96 28.72 -27.96 8.86
C ASP A 96 28.15 -27.44 7.53
N LYS A 97 27.09 -26.66 7.60
CA LYS A 97 26.40 -26.20 6.42
C LYS A 97 26.89 -24.83 5.94
N ARG A 98 27.77 -24.20 6.70
CA ARG A 98 28.04 -22.79 6.50
C ARG A 98 28.88 -22.49 5.28
N LYS A 99 29.75 -23.41 4.87
CA LYS A 99 30.58 -23.16 3.70
C LYS A 99 29.67 -23.13 2.47
N ALA A 100 28.79 -24.15 2.35
CA ALA A 100 27.88 -24.31 1.20
C ALA A 100 27.07 -23.04 1.10
N CYS A 101 26.56 -22.68 2.23
CA CYS A 101 25.73 -21.51 2.34
C CYS A 101 26.43 -20.28 1.76
N GLY A 102 27.70 -20.11 2.10
CA GLY A 102 28.45 -18.96 1.62
C GLY A 102 28.84 -19.04 0.15
N ARG A 103 29.14 -20.27 -0.32
CA ARG A 103 29.42 -20.55 -1.74
C ARG A 103 28.23 -20.05 -2.57
N ASN A 104 27.05 -20.31 -2.03
CA ASN A 104 25.78 -19.93 -2.64
C ASN A 104 25.64 -18.41 -2.81
N LEU A 105 26.06 -17.67 -1.77
CA LEU A 105 26.01 -16.20 -1.77
C LEU A 105 26.95 -15.56 -2.77
N THR A 106 28.16 -16.08 -2.83
CA THR A 106 29.13 -15.69 -3.83
C THR A 106 28.59 -15.87 -5.22
N GLN A 107 28.14 -17.09 -5.50
CA GLN A 107 27.66 -17.45 -6.81
C GLN A 107 26.57 -16.48 -7.20
N ASN A 108 25.73 -16.12 -6.23
CA ASN A 108 24.55 -15.26 -6.49
C ASN A 108 24.72 -13.76 -6.38
N PHE A 109 25.78 -13.29 -5.75
CA PHE A 109 25.89 -11.86 -5.65
C PHE A 109 27.26 -11.34 -5.94
N LEU A 110 28.21 -12.20 -6.21
CA LEU A 110 29.57 -11.73 -6.52
C LEU A 110 30.15 -12.32 -7.80
N SER A 111 29.29 -12.93 -8.60
CA SER A 111 29.68 -13.52 -9.87
C SER A 111 30.49 -12.54 -10.72
N HIS A 112 31.56 -13.04 -11.31
CA HIS A 112 32.36 -12.23 -12.24
C HIS A 112 31.57 -11.89 -13.50
N THR A 113 30.40 -12.50 -13.71
CA THR A 113 29.54 -12.17 -14.85
C THR A 113 28.22 -11.59 -14.43
N GLY A 114 27.99 -11.54 -13.12
CA GLY A 114 26.75 -11.04 -12.59
C GLY A 114 26.83 -9.54 -12.54
N PRO A 115 25.73 -8.90 -12.21
CA PRO A 115 25.75 -7.46 -12.00
C PRO A 115 26.43 -7.11 -10.69
N ASP A 116 27.25 -6.07 -10.72
CA ASP A 116 27.84 -5.47 -9.52
C ASP A 116 26.86 -5.28 -8.38
N LEU A 117 27.25 -5.77 -7.21
CA LEU A 117 26.39 -5.76 -6.03
C LEU A 117 26.07 -4.33 -5.66
N ILE A 118 27.07 -3.48 -5.63
CA ILE A 118 26.86 -2.05 -5.44
C ILE A 118 27.91 -1.28 -6.25
N PRO A 119 27.63 -0.02 -6.57
CA PRO A 119 28.56 0.83 -7.28
C PRO A 119 29.97 0.87 -6.71
N GLU A 120 30.93 0.71 -7.60
CA GLU A 120 32.35 0.83 -7.30
C GLU A 120 32.84 -0.14 -6.25
N VAL A 121 32.17 -1.26 -6.09
CA VAL A 121 32.67 -2.26 -5.15
C VAL A 121 34.10 -2.57 -5.57
N PRO A 122 35.05 -2.50 -4.63
CA PRO A 122 36.46 -2.83 -4.96
C PRO A 122 36.64 -4.32 -5.27
N ARG A 123 37.23 -4.62 -6.42
CA ARG A 123 37.16 -5.99 -6.92
C ARG A 123 38.18 -6.89 -6.25
N GLN A 124 39.21 -6.27 -5.67
CA GLN A 124 40.17 -6.96 -4.83
C GLN A 124 39.47 -7.49 -3.59
N LEU A 125 38.68 -6.62 -2.99
CA LEU A 125 37.80 -7.00 -1.87
C LEU A 125 37.06 -8.29 -2.19
N VAL A 126 36.40 -8.33 -3.35
CA VAL A 126 35.66 -9.53 -3.77
C VAL A 126 36.60 -10.76 -3.88
N THR A 127 37.79 -10.56 -4.44
CA THR A 127 38.76 -11.66 -4.55
C THR A 127 39.22 -12.20 -3.20
N ASN A 128 39.37 -11.30 -2.23
CA ASN A 128 39.75 -11.68 -0.87
C ASN A 128 38.67 -12.56 -0.22
N CYS A 129 37.43 -12.14 -0.42
CA CYS A 129 36.24 -12.82 0.07
C CYS A 129 36.10 -14.24 -0.48
N THR A 130 36.21 -14.37 -1.80
CA THR A 130 36.13 -15.65 -2.52
C THR A 130 37.02 -16.69 -1.91
N GLN A 131 38.26 -16.28 -1.71
CA GLN A 131 39.33 -17.16 -1.35
C GLN A 131 39.48 -17.34 0.15
N ARG A 132 39.07 -16.34 0.91
CA ARG A 132 39.00 -16.47 2.36
C ARG A 132 38.00 -17.57 2.72
N LEU A 133 36.83 -17.54 2.06
CA LEU A 133 35.78 -18.54 2.26
C LEU A 133 36.29 -19.93 1.93
N GLU A 134 36.89 -20.03 0.75
CA GLU A 134 37.50 -21.25 0.24
C GLU A 134 38.39 -21.98 1.28
N GLN A 135 38.90 -21.23 2.28
CA GLN A 135 39.77 -21.78 3.33
C GLN A 135 39.17 -21.78 4.74
N GLY A 136 38.04 -21.12 4.93
CA GLY A 136 37.51 -20.99 6.26
C GLY A 136 36.25 -20.17 6.25
N PRO A 137 35.09 -20.83 6.42
CA PRO A 137 33.80 -20.13 6.44
C PRO A 137 33.49 -19.35 7.72
N CYS A 138 34.45 -18.58 8.22
CA CYS A 138 34.26 -17.76 9.43
C CYS A 138 33.17 -16.74 9.18
N LYS A 139 32.52 -16.33 10.25
CA LYS A 139 31.24 -15.64 10.12
C LYS A 139 31.36 -14.13 9.81
N ASP A 140 32.61 -13.67 9.67
CA ASP A 140 32.94 -12.25 9.40
C ASP A 140 33.23 -11.98 7.90
N LEU A 141 33.65 -13.01 7.17
CA LEU A 141 33.88 -12.99 5.72
C LEU A 141 33.20 -11.85 4.90
N PHE A 142 31.90 -11.67 5.12
CA PHE A 142 31.06 -10.73 4.38
C PHE A 142 30.85 -9.39 5.09
N GLN A 143 31.74 -9.04 6.02
CA GLN A 143 31.52 -7.87 6.87
C GLN A 143 31.85 -6.61 6.11
N GLU A 144 32.94 -6.65 5.35
CA GLU A 144 33.31 -5.48 4.61
C GLU A 144 32.26 -5.21 3.50
N LEU A 145 31.73 -6.27 2.88
CA LEU A 145 30.72 -6.10 1.85
C LEU A 145 29.41 -5.57 2.43
N THR A 146 29.01 -6.17 3.52
CA THR A 146 27.90 -5.67 4.32
C THR A 146 28.01 -4.18 4.65
N ARG A 147 29.17 -3.78 5.10
CA ARG A 147 29.37 -2.40 5.52
C ARG A 147 29.25 -1.48 4.29
N LEU A 148 29.91 -1.89 3.21
CA LEU A 148 29.83 -1.17 1.98
C LEU A 148 28.39 -1.11 1.44
N THR A 149 27.63 -2.20 1.58
CA THR A 149 26.26 -2.19 1.16
C THR A 149 25.45 -1.13 1.96
N HIS A 150 25.48 -1.17 3.30
CA HIS A 150 24.75 -0.13 4.06
C HIS A 150 25.22 1.29 3.66
N GLU A 151 26.51 1.38 3.41
CA GLU A 151 27.11 2.64 3.05
C GLU A 151 26.43 3.18 1.81
N TYR A 152 26.25 2.30 0.85
CA TYR A 152 25.56 2.68 -0.38
C TYR A 152 24.06 3.01 -0.14
N LEU A 153 23.40 2.16 0.65
CA LEU A 153 21.99 2.35 0.93
C LEU A 153 21.71 3.64 1.70
N SER A 154 22.65 4.02 2.55
CA SER A 154 22.50 5.18 3.42
C SER A 154 22.61 6.51 2.73
N VAL A 155 22.96 6.57 1.45
CA VAL A 155 23.00 7.88 0.81
C VAL A 155 21.84 8.08 -0.17
N ALA A 156 21.97 7.66 -1.44
CA ALA A 156 20.94 7.92 -2.44
C ALA A 156 19.62 7.13 -2.24
N PRO A 157 19.65 5.80 -2.09
CA PRO A 157 18.41 5.09 -1.78
C PRO A 157 17.68 5.76 -0.61
N PHE A 158 18.44 6.13 0.40
CA PHE A 158 17.89 6.73 1.60
C PHE A 158 17.17 8.07 1.29
N ALA A 159 17.81 8.93 0.49
CA ALA A 159 17.21 10.21 0.07
C ALA A 159 15.96 9.97 -0.78
N ASP A 160 15.97 8.92 -1.59
CA ASP A 160 14.81 8.62 -2.39
C ASP A 160 13.68 8.12 -1.50
N TYR A 161 14.01 7.16 -0.63
CA TYR A 161 13.06 6.66 0.32
C TYR A 161 12.35 7.76 1.05
N LEU A 162 13.10 8.73 1.58
CA LEU A 162 12.56 9.86 2.35
C LEU A 162 11.54 10.64 1.58
N ASP A 163 11.77 10.71 0.29
CA ASP A 163 10.90 11.43 -0.59
C ASP A 163 9.94 10.46 -1.31
N SER A 164 9.65 9.31 -0.73
CA SER A 164 8.71 8.39 -1.31
C SER A 164 7.46 8.27 -0.46
N ILE A 165 6.48 7.61 -1.03
CA ILE A 165 5.25 7.40 -0.33
C ILE A 165 5.48 6.54 0.91
N TYR A 166 6.53 5.72 0.88
CA TYR A 166 6.81 4.80 1.99
C TYR A 166 7.19 5.49 3.28
N PHE A 167 7.85 6.64 3.15
CA PHE A 167 8.17 7.44 4.33
C PHE A 167 6.93 8.15 4.85
N ASN A 168 6.01 8.49 3.96
CA ASN A 168 4.79 9.15 4.38
C ASN A 168 4.16 8.15 5.28
N ARG A 169 4.14 6.89 4.84
CA ARG A 169 3.54 5.87 5.64
C ARG A 169 4.28 5.71 6.96
N PHE A 170 5.62 5.77 6.92
CA PHE A 170 6.39 5.70 8.20
C PHE A 170 5.95 6.79 9.18
N LEU A 171 5.80 8.02 8.67
CA LEU A 171 5.45 9.16 9.49
C LEU A 171 4.09 8.97 10.13
N GLN A 172 3.19 8.31 9.42
CA GLN A 172 1.89 8.01 9.97
C GLN A 172 2.07 6.99 11.11
N TRP A 173 2.89 5.98 10.91
CA TRP A 173 3.16 5.05 12.01
C TRP A 173 3.84 5.72 13.17
N LYS A 174 4.76 6.64 12.88
CA LYS A 174 5.44 7.29 13.97
C LYS A 174 4.48 8.13 14.79
N TRP A 175 3.51 8.71 14.13
CA TRP A 175 2.59 9.60 14.81
C TRP A 175 1.76 8.79 15.82
N LEU A 176 1.40 7.56 15.44
CA LEU A 176 0.61 6.69 16.29
C LEU A 176 1.42 6.32 17.50
N GLU A 177 2.69 6.05 17.28
CA GLU A 177 3.67 5.74 18.31
C GLU A 177 3.75 6.86 19.37
N ARG A 178 3.66 8.10 18.94
CA ARG A 178 3.81 9.23 19.84
C ARG A 178 2.51 9.73 20.48
N GLN A 179 1.44 9.02 20.27
CA GLN A 179 0.21 9.44 20.88
C GLN A 179 0.28 9.16 22.37
N PRO A 180 -0.45 9.93 23.15
CA PRO A 180 -0.56 9.77 24.58
C PRO A 180 -0.91 8.37 24.96
N VAL A 181 -0.28 7.88 26.04
CA VAL A 181 -0.61 6.58 26.60
C VAL A 181 -1.21 6.83 27.94
N THR A 182 -2.35 6.20 28.24
CA THR A 182 -2.99 6.33 29.55
C THR A 182 -3.41 4.95 29.99
N LYS A 183 -4.11 4.88 31.13
CA LYS A 183 -4.59 3.61 31.62
C LYS A 183 -5.60 2.97 30.69
N ASN A 184 -6.20 3.77 29.82
CA ASN A 184 -7.20 3.28 28.89
C ASN A 184 -6.62 2.70 27.63
N THR A 185 -5.29 2.73 27.52
CA THR A 185 -4.63 1.99 26.45
C THR A 185 -4.64 0.50 26.72
N PHE A 186 -4.82 0.12 27.99
CA PHE A 186 -4.69 -1.27 28.41
C PHE A 186 -5.90 -1.78 29.17
N ARG A 187 -6.01 -3.10 29.22
CA ARG A 187 -6.77 -3.81 30.21
C ARG A 187 -5.85 -4.30 31.31
N GLN A 188 -6.27 -4.27 32.57
CA GLN A 188 -5.49 -4.82 33.71
C GLN A 188 -6.00 -6.19 34.09
N TYR A 189 -5.10 -7.10 34.44
CA TYR A 189 -5.47 -8.40 34.94
C TYR A 189 -4.85 -8.63 36.33
N ARG A 190 -4.84 -9.88 36.77
CA ARG A 190 -4.45 -10.16 38.14
C ARG A 190 -3.05 -9.71 38.50
N VAL A 191 -2.85 -9.43 39.78
CA VAL A 191 -1.53 -9.19 40.35
C VAL A 191 -0.61 -10.42 40.15
N LEU A 192 0.65 -10.10 39.80
CA LEU A 192 1.72 -11.07 39.62
C LEU A 192 2.64 -11.11 40.82
N GLY A 193 2.98 -9.95 41.36
CA GLY A 193 3.76 -9.90 42.59
C GLY A 193 3.84 -8.50 43.16
N LYS A 194 4.54 -8.37 44.28
CA LYS A 194 4.57 -7.10 44.97
C LYS A 194 5.97 -6.59 45.02
N GLY A 195 6.13 -5.33 44.63
CA GLY A 195 7.43 -4.64 44.50
C GLY A 195 7.55 -3.48 45.49
N GLY A 196 8.76 -3.19 45.96
CA GLY A 196 9.01 -2.10 46.93
C GLY A 196 8.16 -0.85 46.84
N PHE A 197 7.82 -0.42 45.63
CA PHE A 197 6.98 0.78 45.47
C PHE A 197 5.56 0.54 45.01
N GLY A 198 5.21 -0.71 44.74
CA GLY A 198 3.86 -1.01 44.25
C GLY A 198 3.71 -2.43 43.78
N GLU A 199 2.61 -2.73 43.12
CA GLU A 199 2.40 -4.10 42.64
C GLU A 199 2.84 -4.25 41.20
N VAL A 200 3.01 -5.51 40.83
CA VAL A 200 3.23 -5.83 39.47
C VAL A 200 2.14 -6.76 39.05
N CYS A 201 1.52 -6.49 37.91
CA CYS A 201 0.43 -7.33 37.50
C CYS A 201 0.39 -7.47 35.99
N ALA A 202 -0.31 -8.46 35.46
CA ALA A 202 -0.37 -8.65 34.00
C ALA A 202 -1.32 -7.66 33.37
N CYS A 203 -0.96 -7.10 32.22
CA CYS A 203 -1.86 -6.24 31.45
C CYS A 203 -1.78 -6.57 29.98
N GLN A 204 -2.68 -6.00 29.20
CA GLN A 204 -2.79 -6.28 27.77
C GLN A 204 -3.18 -5.02 27.06
N VAL A 205 -2.54 -4.77 25.93
CA VAL A 205 -2.83 -3.64 25.10
C VAL A 205 -4.12 -3.86 24.31
N ARG A 206 -5.04 -2.92 24.43
CA ARG A 206 -6.31 -3.09 23.78
C ARG A 206 -6.17 -3.14 22.25
N ALA A 207 -5.45 -2.21 21.65
CA ALA A 207 -5.36 -2.18 20.18
C ALA A 207 -4.80 -3.46 19.54
N THR A 208 -3.83 -4.10 20.20
CA THR A 208 -3.05 -5.21 19.60
C THR A 208 -3.27 -6.59 20.21
N GLY A 209 -3.76 -6.65 21.42
CA GLY A 209 -3.92 -7.95 22.11
C GLY A 209 -2.66 -8.40 22.86
N LYS A 210 -1.54 -7.68 22.65
CA LYS A 210 -0.29 -8.07 23.29
C LYS A 210 -0.28 -7.89 24.78
N MET A 211 0.15 -8.97 25.46
CA MET A 211 0.29 -9.01 26.90
C MET A 211 1.61 -8.47 27.37
N TYR A 212 1.60 -7.83 28.53
CA TYR A 212 2.80 -7.39 29.21
C TYR A 212 2.66 -7.56 30.72
N ALA A 213 3.74 -7.25 31.43
CA ALA A 213 3.64 -7.01 32.87
C ALA A 213 3.62 -5.54 33.09
N CYS A 214 3.01 -5.14 34.18
CA CYS A 214 2.92 -3.73 34.47
C CYS A 214 3.35 -3.43 35.89
N LYS A 215 4.48 -2.76 36.06
CA LYS A 215 5.04 -2.53 37.37
C LYS A 215 4.60 -1.14 37.80
N LYS A 216 3.84 -1.09 38.89
CA LYS A 216 3.38 0.19 39.43
C LYS A 216 4.30 0.63 40.54
N LEU A 217 4.57 1.93 40.49
CA LEU A 217 5.26 2.63 41.52
C LEU A 217 4.31 3.70 42.03
N GLU A 218 3.98 3.70 43.32
CA GLU A 218 2.97 4.66 43.80
C GLU A 218 3.59 6.00 44.15
N LYS A 219 3.04 7.07 43.60
CA LYS A 219 3.62 8.42 43.72
C LYS A 219 3.93 8.81 45.17
N LYS A 220 3.03 8.42 46.09
CA LYS A 220 3.19 8.57 47.55
C LYS A 220 4.51 8.01 48.06
N ARG A 221 4.76 6.73 47.75
CA ARG A 221 5.90 6.02 48.31
C ARG A 221 7.20 6.51 47.71
N ILE A 222 7.18 6.88 46.44
CA ILE A 222 8.33 7.44 45.79
C ILE A 222 8.67 8.77 46.47
N LYS A 223 7.66 9.63 46.67
CA LYS A 223 7.88 10.93 47.30
C LYS A 223 8.31 10.78 48.72
N LYS A 224 7.72 9.82 49.42
CA LYS A 224 7.99 9.59 50.86
C LYS A 224 9.41 9.06 51.06
N ARG A 225 9.77 8.04 50.28
CA ARG A 225 11.12 7.49 50.28
C ARG A 225 12.12 8.28 49.40
N LYS A 226 11.68 9.40 48.83
CA LYS A 226 12.46 10.13 47.77
C LYS A 226 13.24 9.24 46.77
N GLY A 227 12.59 8.32 46.08
CA GLY A 227 13.29 7.42 45.15
C GLY A 227 13.09 7.85 43.72
N GLU A 228 13.06 9.16 43.52
CA GLU A 228 12.74 9.76 42.25
C GLU A 228 13.85 9.48 41.28
N ALA A 229 15.04 9.94 41.65
CA ALA A 229 16.22 9.80 40.82
C ALA A 229 16.43 8.32 40.49
N MET A 230 16.20 7.46 41.45
CA MET A 230 16.36 6.04 41.21
C MET A 230 15.23 5.44 40.34
N ALA A 231 14.02 5.93 40.46
CA ALA A 231 12.97 5.37 39.64
C ALA A 231 13.14 5.83 38.15
N LEU A 232 13.53 7.07 38.00
CA LEU A 232 13.88 7.62 36.72
C LEU A 232 15.07 6.93 36.09
N ASN A 233 16.06 6.61 36.89
CA ASN A 233 17.24 5.89 36.40
C ASN A 233 16.92 4.54 35.85
N GLU A 234 16.10 3.77 36.58
CA GLU A 234 15.69 2.44 36.14
C GLU A 234 15.01 2.57 34.81
N LYS A 235 14.13 3.56 34.68
CA LYS A 235 13.32 3.71 33.48
C LYS A 235 14.18 4.07 32.27
N GLN A 236 15.12 4.96 32.46
CA GLN A 236 15.95 5.40 31.37
C GLN A 236 16.92 4.33 30.91
N ILE A 237 17.39 3.55 31.85
CA ILE A 237 18.17 2.37 31.47
C ILE A 237 17.33 1.37 30.68
N LEU A 238 16.15 1.10 31.16
CA LEU A 238 15.33 0.14 30.48
C LEU A 238 15.03 0.53 29.07
N GLU A 239 14.81 1.81 28.82
CA GLU A 239 14.41 2.27 27.51
C GLU A 239 15.64 2.41 26.56
N LYS A 240 16.83 2.67 27.07
CA LYS A 240 18.04 2.65 26.23
C LYS A 240 18.44 1.23 25.80
N VAL A 241 18.23 0.24 26.67
CA VAL A 241 18.69 -1.12 26.39
C VAL A 241 17.75 -1.81 25.48
N ASN A 242 18.30 -2.54 24.55
CA ASN A 242 17.46 -3.30 23.68
C ASN A 242 18.02 -4.71 23.46
N SER A 243 17.59 -5.68 24.27
CA SER A 243 18.26 -6.96 24.35
C SER A 243 17.28 -8.07 24.43
N ARG A 244 17.56 -9.16 23.76
CA ARG A 244 16.67 -10.27 23.94
C ARG A 244 16.79 -10.88 25.37
N PHE A 245 17.84 -10.46 26.09
CA PHE A 245 18.20 -11.00 27.43
C PHE A 245 17.96 -10.05 28.57
N VAL A 246 17.33 -8.93 28.30
CA VAL A 246 16.94 -8.00 29.35
C VAL A 246 15.49 -7.65 29.11
N VAL A 247 14.74 -7.59 30.19
CA VAL A 247 13.43 -7.13 30.14
C VAL A 247 13.34 -5.81 29.38
N SER A 248 12.42 -5.71 28.41
CA SER A 248 12.12 -4.48 27.69
C SER A 248 11.04 -3.64 28.30
N LEU A 249 11.22 -2.34 28.29
CA LEU A 249 10.21 -1.40 28.62
C LEU A 249 9.53 -1.01 27.34
N ALA A 250 8.22 -1.28 27.23
CA ALA A 250 7.46 -0.91 26.03
C ALA A 250 6.73 0.43 26.15
N TYR A 251 6.32 0.78 27.37
CA TYR A 251 5.60 2.03 27.61
C TYR A 251 5.97 2.54 28.95
N ALA A 252 5.89 3.85 29.16
CA ALA A 252 5.96 4.47 30.49
C ALA A 252 4.90 5.53 30.58
N TYR A 253 4.02 5.41 31.56
CA TYR A 253 2.99 6.39 31.69
C TYR A 253 2.61 6.64 33.11
N GLU A 254 1.74 7.63 33.32
CA GLU A 254 1.20 7.91 34.64
C GLU A 254 -0.29 7.71 34.83
N THR A 255 -0.60 7.22 36.01
CA THR A 255 -1.92 7.15 36.56
C THR A 255 -2.03 8.40 37.44
N LYS A 256 -3.19 8.62 38.04
CA LYS A 256 -3.32 9.66 39.04
C LYS A 256 -2.57 9.24 40.29
N ASP A 257 -2.60 7.95 40.64
CA ASP A 257 -1.85 7.41 41.77
C ASP A 257 -0.40 6.95 41.57
N ALA A 258 0.03 6.78 40.32
CA ALA A 258 1.26 5.98 40.09
C ALA A 258 2.02 6.32 38.84
N LEU A 259 3.25 5.84 38.79
CA LEU A 259 4.02 5.80 37.56
C LEU A 259 4.16 4.35 37.17
N CYS A 260 3.93 4.06 35.89
CA CYS A 260 3.98 2.70 35.41
C CYS A 260 4.99 2.43 34.33
N LEU A 261 5.58 1.24 34.46
CA LEU A 261 6.51 0.67 33.52
C LEU A 261 5.84 -0.57 32.96
N VAL A 262 5.55 -0.56 31.65
CA VAL A 262 5.03 -1.76 31.01
C VAL A 262 6.20 -2.53 30.41
N LEU A 263 6.31 -3.82 30.76
CA LEU A 263 7.50 -4.59 30.58
C LEU A 263 7.22 -5.93 29.94
N THR A 264 8.21 -6.48 29.26
CA THR A 264 8.07 -7.83 28.75
C THR A 264 7.52 -8.68 29.82
N LEU A 265 6.45 -9.42 29.52
CA LEU A 265 5.86 -10.34 30.53
C LEU A 265 6.65 -11.61 30.68
N MET A 266 7.24 -11.84 31.85
CA MET A 266 8.00 -13.07 32.14
C MET A 266 7.25 -13.91 33.15
N ASN A 267 6.67 -15.02 32.68
CA ASN A 267 5.68 -15.74 33.46
C ASN A 267 6.12 -17.09 33.93
N GLY A 268 7.35 -17.45 33.67
CA GLY A 268 7.85 -18.78 33.98
C GLY A 268 8.58 -18.88 35.30
N GLY A 269 8.53 -17.80 36.09
CA GLY A 269 9.12 -17.79 37.44
C GLY A 269 10.58 -17.43 37.41
N ASP A 270 11.17 -17.16 38.55
CA ASP A 270 12.54 -16.73 38.59
C ASP A 270 13.44 -17.90 38.88
N LEU A 271 14.73 -17.71 38.84
CA LEU A 271 15.65 -18.83 39.08
C LEU A 271 15.74 -19.22 40.56
N LYS A 272 15.55 -18.30 41.49
CA LYS A 272 15.56 -18.73 42.86
C LYS A 272 14.44 -19.79 43.06
N PHE A 273 13.22 -19.48 42.67
CA PHE A 273 12.18 -20.47 42.66
C PHE A 273 12.61 -21.80 41.99
N HIS A 274 13.24 -21.74 40.82
CA HIS A 274 13.52 -22.95 40.05
C HIS A 274 14.65 -23.78 40.61
N ILE A 275 15.65 -23.14 41.18
CA ILE A 275 16.73 -23.87 41.79
C ILE A 275 16.22 -24.66 43.00
N TYR A 276 15.33 -24.07 43.78
CA TYR A 276 15.01 -24.63 45.11
C TYR A 276 13.66 -25.36 45.22
N HIS A 277 12.93 -25.58 44.12
CA HIS A 277 11.58 -26.17 44.23
C HIS A 277 11.55 -27.71 44.06
N MET A 278 12.73 -28.31 44.15
CA MET A 278 12.95 -29.75 43.90
C MET A 278 12.75 -30.53 45.18
N GLY A 279 13.42 -30.04 46.22
CA GLY A 279 13.77 -30.84 47.39
C GLY A 279 15.29 -30.99 47.35
N GLN A 280 15.80 -31.48 46.21
CA GLN A 280 17.26 -31.60 45.93
C GLN A 280 17.77 -30.45 44.99
N ALA A 281 18.11 -29.35 45.62
CA ALA A 281 18.35 -28.10 44.88
C ALA A 281 19.47 -28.12 43.83
N GLY A 282 19.20 -27.69 42.59
CA GLY A 282 20.24 -27.60 41.60
C GLY A 282 19.74 -27.99 40.23
N PHE A 283 20.58 -27.82 39.23
CA PHE A 283 20.29 -28.17 37.85
C PHE A 283 21.32 -29.13 37.26
N PRO A 284 20.94 -29.96 36.30
CA PRO A 284 21.96 -30.65 35.53
C PRO A 284 22.81 -29.60 34.81
N GLU A 285 24.10 -29.87 34.60
CA GLU A 285 24.97 -28.90 33.92
C GLU A 285 24.34 -28.29 32.70
N ALA A 286 23.99 -29.09 31.69
CA ALA A 286 23.44 -28.57 30.43
C ALA A 286 22.56 -27.36 30.70
N ARG A 287 21.66 -27.55 31.64
CA ARG A 287 20.66 -26.56 32.02
C ARG A 287 21.31 -25.30 32.63
N ALA A 288 22.14 -25.48 33.65
CA ALA A 288 22.83 -24.35 34.25
C ALA A 288 23.63 -23.61 33.19
N VAL A 289 24.34 -24.37 32.37
CA VAL A 289 25.17 -23.80 31.28
C VAL A 289 24.36 -22.96 30.30
N PHE A 290 23.19 -23.45 29.90
CA PHE A 290 22.32 -22.70 29.01
C PHE A 290 21.93 -21.36 29.61
N TYR A 291 21.61 -21.34 30.89
CA TYR A 291 21.20 -20.13 31.53
C TYR A 291 22.37 -19.17 31.61
N ALA A 292 23.54 -19.72 31.98
CA ALA A 292 24.72 -18.89 32.10
C ALA A 292 24.96 -18.24 30.78
N ALA A 293 24.80 -18.98 29.69
CA ALA A 293 25.08 -18.40 28.37
C ALA A 293 24.11 -17.28 28.05
N GLU A 294 22.83 -17.47 28.36
CA GLU A 294 21.91 -16.41 28.07
C GLU A 294 22.20 -15.20 28.94
N ILE A 295 22.62 -15.39 30.18
CA ILE A 295 22.82 -14.27 31.09
C ILE A 295 24.03 -13.50 30.67
N CYS A 296 25.02 -14.26 30.27
CA CYS A 296 26.24 -13.74 29.72
C CYS A 296 25.96 -12.84 28.50
N CYS A 297 25.09 -13.29 27.61
CA CYS A 297 24.65 -12.44 26.52
C CYS A 297 23.99 -11.16 27.05
N GLY A 298 23.13 -11.24 28.06
CA GLY A 298 22.47 -10.04 28.58
C GLY A 298 23.50 -9.12 29.20
N LEU A 299 24.46 -9.66 29.91
CA LEU A 299 25.52 -8.82 30.43
C LEU A 299 26.34 -8.15 29.33
N GLU A 300 26.60 -8.85 28.25
CA GLU A 300 27.33 -8.22 27.14
C GLU A 300 26.48 -7.07 26.59
N ASP A 301 25.18 -7.32 26.40
CA ASP A 301 24.32 -6.28 25.87
C ASP A 301 24.31 -5.06 26.80
N LEU A 302 24.29 -5.30 28.12
CA LEU A 302 24.31 -4.19 29.06
C LEU A 302 25.62 -3.43 29.02
N HIS A 303 26.73 -4.16 29.09
CA HIS A 303 28.06 -3.54 29.09
C HIS A 303 28.35 -2.75 27.79
N ARG A 304 27.85 -3.22 26.66
CA ARG A 304 28.00 -2.48 25.39
C ARG A 304 27.34 -1.10 25.49
N GLU A 305 26.25 -1.00 26.23
CA GLU A 305 25.62 0.28 26.60
C GLU A 305 26.23 0.94 27.83
N ARG A 306 27.37 0.43 28.28
CA ARG A 306 28.08 1.00 29.42
C ARG A 306 27.32 0.98 30.70
N ILE A 307 26.57 -0.12 30.90
CA ILE A 307 25.75 -0.23 32.06
C ILE A 307 26.21 -1.38 32.90
N VAL A 308 26.52 -1.12 34.15
CA VAL A 308 26.89 -2.21 35.03
C VAL A 308 25.66 -2.44 35.88
N TYR A 309 25.30 -3.72 35.96
CA TYR A 309 24.01 -4.15 36.40
C TYR A 309 23.96 -4.06 37.92
N ARG A 310 24.91 -4.76 38.54
CA ARG A 310 25.20 -4.72 39.97
C ARG A 310 24.29 -5.45 40.92
N ASP A 311 23.22 -6.11 40.45
CA ASP A 311 22.29 -6.85 41.29
C ASP A 311 21.99 -8.17 40.66
N LEU A 312 22.97 -8.76 39.99
CA LEU A 312 22.73 -10.14 39.49
C LEU A 312 22.64 -11.15 40.64
N LYS A 313 21.47 -11.74 40.77
CA LYS A 313 21.27 -12.94 41.62
C LYS A 313 20.10 -13.75 41.04
N PRO A 314 19.87 -14.97 41.52
CA PRO A 314 18.88 -15.80 40.91
C PRO A 314 17.46 -15.24 40.95
N GLU A 315 17.13 -14.46 41.96
CA GLU A 315 15.75 -13.98 42.05
C GLU A 315 15.48 -12.92 40.99
N ASN A 316 16.54 -12.36 40.39
CA ASN A 316 16.38 -11.29 39.46
C ASN A 316 16.44 -11.73 38.00
N ILE A 317 16.59 -13.04 37.79
CA ILE A 317 16.48 -13.60 36.45
C ILE A 317 15.16 -14.27 36.20
N LEU A 318 14.33 -13.75 35.29
CA LEU A 318 13.03 -14.34 35.11
C LEU A 318 13.03 -15.25 33.89
N LEU A 319 12.11 -16.21 33.85
CA LEU A 319 11.90 -17.08 32.69
C LEU A 319 10.62 -16.71 32.01
N ASP A 320 10.61 -16.91 30.69
CA ASP A 320 9.39 -16.67 29.93
C ASP A 320 8.72 -18.00 29.68
N ASP A 321 7.66 -18.00 28.85
CA ASP A 321 6.84 -19.21 28.59
C ASP A 321 7.62 -20.35 28.01
N HIS A 322 8.63 -19.99 27.21
CA HIS A 322 9.42 -21.00 26.51
C HIS A 322 10.63 -21.39 27.29
N GLY A 323 10.89 -20.74 28.42
CA GLY A 323 12.09 -21.05 29.22
C GLY A 323 13.37 -20.28 28.83
N HIS A 324 13.26 -19.19 28.09
CA HIS A 324 14.41 -18.32 27.92
C HIS A 324 14.40 -17.33 29.07
N ILE A 325 15.56 -16.91 29.49
CA ILE A 325 15.61 -15.98 30.58
C ILE A 325 15.86 -14.52 30.12
N ARG A 326 15.58 -13.59 31.03
CA ARG A 326 15.94 -12.22 30.94
C ARG A 326 16.30 -11.67 32.30
N ILE A 327 17.20 -10.70 32.27
CA ILE A 327 17.59 -9.96 33.40
C ILE A 327 16.53 -8.96 33.69
N SER A 328 16.22 -8.83 34.96
CA SER A 328 15.05 -8.11 35.48
C SER A 328 15.53 -7.24 36.61
N ASP A 329 14.68 -6.30 36.98
CA ASP A 329 14.96 -5.47 38.13
C ASP A 329 16.26 -4.68 38.02
N LEU A 330 16.25 -3.62 37.24
CA LEU A 330 17.49 -2.84 37.04
C LEU A 330 17.62 -1.62 37.93
N GLY A 331 16.98 -1.58 39.09
CA GLY A 331 17.11 -0.46 39.97
C GLY A 331 18.50 -0.15 40.48
N LEU A 332 19.40 -1.07 40.51
CA LEU A 332 20.74 -0.73 40.97
C LEU A 332 21.69 -0.56 39.83
N ALA A 333 21.21 -0.54 38.60
CA ALA A 333 22.13 -0.44 37.47
C ALA A 333 22.57 1.00 37.35
N VAL A 334 23.74 1.19 36.76
CA VAL A 334 24.22 2.52 36.56
C VAL A 334 25.09 2.61 35.30
N HIS A 335 25.04 3.76 34.64
CA HIS A 335 25.79 4.03 33.45
C HIS A 335 27.15 4.41 33.94
N VAL A 336 28.19 3.88 33.31
CA VAL A 336 29.58 4.21 33.62
C VAL A 336 30.15 5.07 32.47
N PRO A 337 30.33 6.36 32.67
CA PRO A 337 30.82 7.18 31.59
C PRO A 337 32.14 6.68 31.07
N GLU A 338 32.34 6.90 29.79
CA GLU A 338 33.53 6.49 29.05
C GLU A 338 34.78 6.90 29.79
N GLY A 339 35.69 5.98 30.01
CA GLY A 339 36.95 6.27 30.71
C GLY A 339 36.97 6.46 32.22
N GLN A 340 35.82 6.62 32.84
CA GLN A 340 35.76 6.81 34.26
C GLN A 340 35.42 5.44 34.96
N THR A 341 35.44 5.46 36.29
CA THR A 341 35.09 4.35 37.15
C THR A 341 33.98 4.89 38.03
N ILE A 342 33.29 3.99 38.71
CA ILE A 342 32.33 4.39 39.72
C ILE A 342 32.62 3.65 41.09
N LYS A 343 32.00 4.18 42.13
CA LYS A 343 32.14 3.69 43.46
C LYS A 343 30.77 3.27 44.07
N GLY A 344 30.77 2.31 45.00
CA GLY A 344 29.57 2.12 45.83
C GLY A 344 29.24 0.71 46.13
N ARG A 345 29.25 0.39 47.42
CA ARG A 345 28.76 -0.83 47.97
C ARG A 345 27.25 -0.85 47.79
N VAL A 346 26.81 -1.56 46.78
CA VAL A 346 25.42 -1.84 46.62
C VAL A 346 25.28 -3.26 46.17
N GLY A 347 24.11 -3.81 46.42
CA GLY A 347 23.79 -5.11 45.90
C GLY A 347 23.43 -6.01 47.00
N THR A 348 23.33 -7.30 46.75
CA THR A 348 23.01 -8.27 47.82
C THR A 348 24.24 -8.90 48.45
N VAL A 349 24.19 -9.06 49.76
CA VAL A 349 25.36 -9.46 50.54
C VAL A 349 26.21 -10.62 49.95
N GLY A 350 25.60 -11.73 49.65
CA GLY A 350 26.49 -12.81 49.20
C GLY A 350 26.87 -12.86 47.73
N TYR A 351 26.36 -11.93 46.93
CA TYR A 351 26.68 -11.86 45.51
C TYR A 351 27.52 -10.67 45.12
N MET A 352 27.84 -9.79 46.05
CA MET A 352 28.78 -8.70 45.83
C MET A 352 30.27 -9.11 45.81
N ALA A 353 30.97 -8.69 44.74
CA ALA A 353 32.40 -8.97 44.50
C ALA A 353 33.33 -8.33 45.51
N PRO A 354 34.56 -8.81 45.64
CA PRO A 354 35.52 -8.27 46.63
C PRO A 354 35.78 -6.76 46.53
N GLU A 355 36.02 -6.28 45.31
CA GLU A 355 36.10 -4.86 45.02
C GLU A 355 35.03 -4.11 45.73
N VAL A 356 33.80 -4.62 45.60
CA VAL A 356 32.64 -3.87 46.00
C VAL A 356 32.57 -3.87 47.47
N VAL A 357 32.89 -4.99 48.13
CA VAL A 357 32.73 -5.00 49.60
C VAL A 357 33.84 -4.21 50.24
N LYS A 358 35.01 -4.17 49.61
CA LYS A 358 36.06 -3.20 50.02
C LYS A 358 35.80 -1.71 49.61
N ASN A 359 34.63 -1.38 49.13
CA ASN A 359 34.37 -0.06 48.59
C ASN A 359 35.45 0.52 47.69
N GLU A 360 36.03 -0.30 46.79
CA GLU A 360 36.96 0.09 45.78
C GLU A 360 36.20 0.56 44.55
N ARG A 361 36.91 1.08 43.54
CA ARG A 361 36.21 1.57 42.33
C ARG A 361 36.11 0.46 41.29
N TYR A 362 35.11 0.47 40.41
CA TYR A 362 34.97 -0.57 39.44
C TYR A 362 34.26 0.04 38.26
N THR A 363 34.44 -0.59 37.10
CA THR A 363 33.53 -0.43 35.99
C THR A 363 32.59 -1.66 35.93
N PHE A 364 33.03 -2.76 35.29
CA PHE A 364 32.08 -3.81 34.94
C PHE A 364 32.33 -5.18 35.65
N SER A 365 33.42 -5.31 36.39
CA SER A 365 33.89 -6.56 36.92
C SER A 365 32.94 -7.16 37.98
N PRO A 366 32.25 -6.36 38.78
CA PRO A 366 31.24 -6.94 39.68
C PRO A 366 30.29 -7.90 39.04
N ASP A 367 29.91 -7.62 37.80
CA ASP A 367 28.86 -8.40 37.11
C ASP A 367 29.42 -9.80 36.78
N TRP A 368 30.70 -9.90 36.37
CA TRP A 368 31.19 -11.21 36.03
C TRP A 368 31.33 -12.06 37.28
N TRP A 369 31.68 -11.45 38.39
CA TRP A 369 31.76 -12.18 39.62
C TRP A 369 30.38 -12.77 39.97
N ALA A 370 29.33 -11.95 39.93
CA ALA A 370 27.96 -12.41 40.20
C ALA A 370 27.60 -13.57 39.28
N LEU A 371 28.00 -13.50 38.00
CA LEU A 371 27.72 -14.61 37.11
C LEU A 371 28.34 -15.88 37.62
N GLY A 372 29.56 -15.79 38.13
CA GLY A 372 30.24 -16.88 38.72
C GLY A 372 29.43 -17.44 39.89
N CYS A 373 28.94 -16.55 40.76
CA CYS A 373 28.12 -17.00 41.90
C CYS A 373 26.88 -17.73 41.44
N LEU A 374 26.30 -17.16 40.38
CA LEU A 374 25.02 -17.63 39.87
C LEU A 374 25.20 -19.00 39.25
N LEU A 375 26.25 -19.20 38.48
CA LEU A 375 26.53 -20.49 37.90
C LEU A 375 26.83 -21.49 38.98
N TYR A 376 27.56 -21.05 40.01
CA TYR A 376 27.98 -21.93 41.11
C TYR A 376 26.72 -22.43 41.80
N GLU A 377 25.84 -21.49 42.09
CA GLU A 377 24.67 -21.78 42.85
C GLU A 377 23.77 -22.70 42.06
N MET A 378 23.75 -22.51 40.74
CA MET A 378 22.86 -23.33 39.91
C MET A 378 23.28 -24.78 39.99
N ILE A 379 24.59 -25.02 40.05
CA ILE A 379 25.08 -26.36 40.10
C ILE A 379 25.08 -26.95 41.51
N ALA A 380 25.62 -26.20 42.47
CA ALA A 380 25.80 -26.65 43.84
C ALA A 380 24.53 -26.69 44.62
N GLY A 381 23.49 -26.03 44.16
CA GLY A 381 22.31 -25.84 44.92
C GLY A 381 22.55 -24.99 46.12
N GLN A 382 23.61 -24.19 46.15
CA GLN A 382 23.96 -23.35 47.29
C GLN A 382 24.81 -22.17 46.78
N SER A 383 24.65 -21.02 47.39
CA SER A 383 25.44 -19.84 47.03
C SER A 383 26.83 -20.08 47.61
N PRO A 384 27.89 -19.60 46.95
CA PRO A 384 29.27 -19.87 47.39
C PRO A 384 29.81 -19.28 48.69
N PHE A 385 29.16 -18.28 49.24
CA PHE A 385 29.62 -17.59 50.42
C PHE A 385 28.50 -17.28 51.38
N GLN A 386 27.29 -17.57 51.01
CA GLN A 386 26.23 -17.46 51.99
C GLN A 386 25.39 -18.79 51.98
N GLN A 387 24.82 -19.16 53.10
CA GLN A 387 24.00 -20.39 53.16
C GLN A 387 22.54 -20.16 52.68
N ARG A 388 21.90 -21.24 52.25
CA ARG A 388 20.43 -21.25 52.00
C ARG A 388 19.60 -20.87 53.26
N LYS A 389 19.50 -21.80 54.22
CA LYS A 389 18.58 -21.63 55.34
C LYS A 389 19.17 -20.77 56.46
N LYS A 390 20.00 -21.34 57.34
CA LYS A 390 20.65 -20.57 58.41
C LYS A 390 21.66 -19.66 57.78
N LYS A 391 21.50 -18.37 58.03
CA LYS A 391 22.31 -17.35 57.38
C LYS A 391 23.42 -16.87 58.29
N ILE A 392 24.48 -16.46 57.63
CA ILE A 392 25.73 -16.06 58.25
C ILE A 392 25.70 -14.54 58.28
N LYS A 393 26.27 -13.92 59.29
CA LYS A 393 26.23 -12.48 59.47
C LYS A 393 27.03 -11.78 58.36
N ARG A 394 26.55 -10.59 57.91
CA ARG A 394 27.20 -9.76 56.84
C ARG A 394 28.73 -9.80 56.88
N GLU A 395 29.28 -9.53 58.07
CA GLU A 395 30.71 -9.40 58.23
C GLU A 395 31.48 -10.65 57.84
N GLU A 396 31.06 -11.82 58.36
CA GLU A 396 31.65 -13.12 57.98
C GLU A 396 31.51 -13.43 56.51
N VAL A 397 30.37 -13.15 55.92
CA VAL A 397 30.21 -13.48 54.53
C VAL A 397 31.23 -12.72 53.72
N GLU A 398 31.36 -11.44 54.11
CA GLU A 398 32.26 -10.48 53.47
C GLU A 398 33.69 -10.88 53.62
N ARG A 399 34.04 -11.35 54.80
CA ARG A 399 35.35 -11.95 54.97
C ARG A 399 35.60 -13.17 54.05
N LEU A 400 34.64 -14.06 53.89
CA LEU A 400 34.87 -15.24 53.10
C LEU A 400 34.94 -14.78 51.64
N VAL A 401 34.07 -13.85 51.27
CA VAL A 401 34.19 -13.23 49.92
C VAL A 401 35.58 -12.68 49.61
N LYS A 402 36.15 -11.95 50.54
CA LYS A 402 37.44 -11.35 50.29
C LYS A 402 38.57 -12.36 50.35
N GLU A 403 38.51 -13.24 51.32
CA GLU A 403 39.69 -14.00 51.75
C GLU A 403 39.70 -15.47 51.51
N VAL A 404 38.54 -16.11 51.24
CA VAL A 404 38.45 -17.58 51.20
C VAL A 404 37.94 -18.14 49.86
N PRO A 405 38.67 -19.07 49.31
CA PRO A 405 38.24 -19.75 48.10
C PRO A 405 36.98 -20.56 48.31
N GLU A 406 36.15 -20.56 47.30
CA GLU A 406 34.91 -21.22 47.29
C GLU A 406 35.16 -22.73 47.23
N GLU A 407 34.23 -23.55 47.64
CA GLU A 407 34.52 -25.02 47.77
C GLU A 407 33.74 -25.72 46.70
N TYR A 408 34.37 -26.63 45.95
CA TYR A 408 33.68 -27.42 44.92
C TYR A 408 33.39 -28.88 45.33
N SER A 409 32.44 -29.51 44.71
CA SER A 409 32.17 -30.92 45.00
C SER A 409 32.21 -31.70 43.70
N GLU A 410 32.05 -33.01 43.79
CA GLU A 410 32.01 -33.79 42.55
C GLU A 410 30.73 -33.51 41.80
N ARG A 411 30.02 -32.44 42.13
CA ARG A 411 28.83 -32.06 41.37
C ARG A 411 29.18 -31.23 40.18
N PHE A 412 30.43 -30.79 40.17
CA PHE A 412 31.00 -29.92 39.16
C PHE A 412 31.92 -30.71 38.24
N SER A 413 31.64 -30.76 36.94
CA SER A 413 32.63 -31.30 35.98
C SER A 413 33.85 -30.39 36.05
N PRO A 414 35.02 -30.85 35.60
CA PRO A 414 36.20 -30.02 35.68
C PRO A 414 36.02 -28.65 35.01
N GLN A 415 35.34 -28.61 33.87
CA GLN A 415 35.19 -27.33 33.16
C GLN A 415 34.25 -26.38 33.84
N ALA A 416 33.17 -26.87 34.43
CA ALA A 416 32.30 -26.05 35.28
C ALA A 416 33.07 -25.37 36.39
N ARG A 417 33.85 -26.18 37.09
CA ARG A 417 34.71 -25.69 38.16
C ARG A 417 35.75 -24.71 37.63
N SER A 418 36.26 -24.94 36.43
CA SER A 418 37.21 -24.05 35.79
C SER A 418 36.60 -22.67 35.54
N LEU A 419 35.46 -22.62 34.86
CA LEU A 419 34.78 -21.38 34.61
C LEU A 419 34.39 -20.66 35.90
N CYS A 420 33.70 -21.36 36.79
CA CYS A 420 33.31 -20.76 38.05
C CYS A 420 34.49 -20.13 38.75
N SER A 421 35.58 -20.91 38.85
CA SER A 421 36.69 -20.39 39.63
C SER A 421 37.30 -19.16 38.93
N GLN A 422 37.27 -19.14 37.61
CA GLN A 422 37.85 -18.00 36.84
C GLN A 422 36.96 -16.76 36.90
N LEU A 423 35.66 -16.96 37.01
CA LEU A 423 34.75 -15.89 37.29
C LEU A 423 34.77 -15.39 38.76
N LEU A 424 34.94 -16.32 39.71
CA LEU A 424 34.97 -15.99 41.14
C LEU A 424 36.41 -15.79 41.58
N CYS A 425 37.24 -15.43 40.60
CA CYS A 425 38.58 -14.92 40.88
C CYS A 425 38.41 -13.65 41.71
N LYS A 426 39.23 -13.51 42.72
CA LYS A 426 39.07 -12.44 43.70
C LYS A 426 39.63 -11.08 43.22
N ASP A 427 40.75 -11.06 42.50
CA ASP A 427 41.35 -9.80 41.91
C ASP A 427 40.72 -9.51 40.54
N PRO A 428 39.92 -8.47 40.43
CA PRO A 428 39.17 -8.25 39.19
C PRO A 428 40.09 -8.05 37.97
N ALA A 429 41.33 -7.63 38.14
CA ALA A 429 42.20 -7.57 37.01
C ALA A 429 42.42 -8.92 36.32
N GLU A 430 42.40 -10.02 37.04
CA GLU A 430 42.61 -11.33 36.42
C GLU A 430 41.34 -12.11 36.25
N ARG A 431 40.20 -11.54 36.56
CA ARG A 431 38.96 -12.33 36.54
C ARG A 431 38.50 -12.42 35.12
N LEU A 432 37.98 -13.59 34.73
CA LEU A 432 37.47 -13.81 33.39
C LEU A 432 36.37 -12.81 33.11
N GLY A 433 36.38 -12.27 31.91
CA GLY A 433 35.47 -11.16 31.54
C GLY A 433 36.09 -9.78 31.71
N CYS A 434 37.18 -9.69 32.44
CA CYS A 434 37.76 -8.41 32.78
C CYS A 434 39.23 -8.34 32.41
N ARG A 435 39.77 -9.35 31.74
CA ARG A 435 41.18 -9.32 31.39
C ARG A 435 41.43 -8.43 30.18
N GLY A 436 40.39 -8.02 29.44
CA GLY A 436 40.53 -7.20 28.25
C GLY A 436 39.59 -7.55 27.13
N GLY A 437 39.20 -8.81 26.99
CA GLY A 437 38.28 -9.23 25.93
C GLY A 437 36.77 -9.28 26.26
N SER A 438 36.39 -8.75 27.44
CA SER A 438 34.98 -8.68 27.80
C SER A 438 34.25 -10.01 27.67
N ALA A 439 32.97 -9.93 27.31
CA ALA A 439 32.09 -11.08 27.27
C ALA A 439 32.67 -12.22 26.44
N ARG A 440 33.47 -11.88 25.44
CA ARG A 440 34.01 -12.90 24.54
C ARG A 440 34.95 -13.90 25.22
N GLU A 441 35.82 -13.41 26.10
CA GLU A 441 36.55 -14.24 27.06
C GLU A 441 35.62 -15.30 27.72
N VAL A 442 34.48 -14.89 28.23
CA VAL A 442 33.64 -15.79 28.92
C VAL A 442 33.01 -16.76 27.94
N LYS A 443 32.44 -16.22 26.87
CA LYS A 443 31.80 -17.05 25.87
C LYS A 443 32.69 -18.10 25.32
N GLU A 444 34.00 -17.86 25.26
CA GLU A 444 34.95 -18.81 24.69
C GLU A 444 35.42 -19.88 25.69
N HIS A 445 34.97 -19.82 26.93
CA HIS A 445 35.31 -20.92 27.83
C HIS A 445 34.82 -22.31 27.27
N PRO A 446 35.65 -23.32 27.39
CA PRO A 446 35.27 -24.66 26.90
C PRO A 446 33.92 -25.19 27.39
N LEU A 447 33.50 -24.81 28.58
CA LEU A 447 32.23 -25.23 29.08
C LEU A 447 31.12 -24.96 28.08
N PHE A 448 31.24 -23.85 27.32
CA PHE A 448 30.28 -23.49 26.24
C PHE A 448 30.59 -24.13 24.86
N LYS A 449 31.67 -24.90 24.71
CA LYS A 449 31.95 -25.75 23.51
C LYS A 449 30.79 -26.05 22.60
N LYS A 450 29.72 -26.58 23.21
CA LYS A 450 28.58 -27.11 22.46
C LYS A 450 27.61 -26.06 21.93
N LEU A 451 27.71 -24.83 22.41
CA LEU A 451 26.71 -23.78 22.13
C LEU A 451 27.16 -22.80 21.07
N ASN A 452 26.26 -22.52 20.13
CA ASN A 452 26.51 -21.57 19.06
C ASN A 452 25.94 -20.25 19.51
N PHE A 453 26.79 -19.30 19.84
CA PHE A 453 26.25 -18.05 20.42
C PHE A 453 25.49 -17.14 19.42
N LYS A 454 25.82 -17.19 18.13
CA LYS A 454 25.04 -16.40 17.18
C LYS A 454 23.57 -16.89 17.19
N ARG A 455 23.40 -18.20 17.17
CA ARG A 455 22.07 -18.79 17.24
C ARG A 455 21.34 -18.50 18.56
N LEU A 456 22.04 -18.72 19.66
CA LEU A 456 21.55 -18.35 20.97
C LEU A 456 21.09 -16.90 20.99
N GLY A 457 21.89 -16.06 20.34
CA GLY A 457 21.66 -14.64 20.32
C GLY A 457 20.47 -14.21 19.50
N ALA A 458 20.09 -15.04 18.56
CA ALA A 458 18.95 -14.77 17.72
C ALA A 458 17.75 -15.64 18.13
N GLY A 459 17.85 -16.29 19.28
CA GLY A 459 16.73 -17.02 19.85
C GLY A 459 16.44 -18.38 19.25
N MET A 460 17.40 -18.96 18.55
CA MET A 460 17.13 -20.14 17.75
C MET A 460 17.46 -21.48 18.42
N LEU A 461 17.94 -21.48 19.65
CA LEU A 461 18.21 -22.71 20.35
C LEU A 461 17.13 -22.91 21.38
N GLU A 462 16.51 -24.08 21.37
CA GLU A 462 15.45 -24.42 22.31
C GLU A 462 16.03 -24.66 23.69
N PRO A 463 15.48 -24.06 24.74
CA PRO A 463 16.02 -24.26 26.09
C PRO A 463 15.81 -25.68 26.50
N PRO A 464 16.56 -26.20 27.46
CA PRO A 464 16.37 -27.57 27.94
C PRO A 464 15.14 -27.73 28.84
N PHE A 465 14.64 -26.66 29.45
CA PHE A 465 13.48 -26.72 30.35
C PHE A 465 12.36 -25.78 29.85
N LYS A 466 11.12 -26.27 29.84
CA LYS A 466 9.99 -25.42 29.52
C LYS A 466 9.10 -25.39 30.76
N PRO A 467 8.80 -24.20 31.31
CA PRO A 467 8.03 -24.13 32.56
C PRO A 467 6.54 -24.43 32.43
N ASP A 468 5.89 -24.56 33.58
CA ASP A 468 4.47 -24.75 33.65
C ASP A 468 3.70 -23.55 33.17
N PRO A 469 2.71 -23.81 32.30
CA PRO A 469 1.72 -22.80 31.91
C PRO A 469 0.91 -22.29 33.14
N GLN A 470 1.39 -21.19 33.73
CA GLN A 470 0.82 -20.59 34.96
C GLN A 470 -0.19 -19.45 34.70
N ALA A 471 -1.46 -19.68 35.07
CA ALA A 471 -2.66 -18.97 34.54
C ALA A 471 -2.64 -17.43 34.49
N ILE A 472 -3.60 -16.84 33.77
CA ILE A 472 -3.82 -15.36 33.78
C ILE A 472 -5.28 -15.02 33.45
N TYR A 473 -5.85 -14.10 34.23
CA TYR A 473 -7.29 -13.82 34.19
C TYR A 473 -7.69 -12.79 35.25
N CYS A 474 -9.02 -12.62 35.32
CA CYS A 474 -9.70 -11.97 36.43
C CYS A 474 -11.18 -12.35 36.40
N GLU A 492 4.85 19.95 44.90
CA GLU A 492 4.18 19.34 43.76
C GLU A 492 4.71 19.82 42.40
N PRO A 493 5.18 21.07 42.28
CA PRO A 493 5.93 21.50 41.07
C PRO A 493 7.18 20.67 40.71
N THR A 494 8.01 20.33 41.72
CA THR A 494 9.06 19.26 41.62
C THR A 494 8.48 18.02 40.99
N ASP A 495 7.49 17.48 41.70
CA ASP A 495 6.92 16.17 41.44
C ASP A 495 6.29 16.15 40.03
N GLN A 496 5.52 17.17 39.70
CA GLN A 496 4.91 17.22 38.38
C GLN A 496 5.99 17.40 37.30
N ASP A 497 7.11 18.02 37.66
CA ASP A 497 8.23 18.12 36.72
C ASP A 497 8.85 16.76 36.51
N PHE A 498 9.03 16.04 37.63
CA PHE A 498 9.54 14.65 37.62
C PHE A 498 8.57 13.76 36.83
N TYR A 499 7.26 13.85 37.10
CA TYR A 499 6.27 12.98 36.42
C TYR A 499 6.34 13.12 34.90
N GLN A 500 6.52 14.36 34.47
CA GLN A 500 6.62 14.69 33.07
C GLN A 500 7.88 14.11 32.44
N LYS A 501 9.03 14.20 33.11
CA LYS A 501 10.30 13.55 32.66
C LYS A 501 10.19 12.05 32.58
N PHE A 502 9.34 11.47 33.43
CA PHE A 502 9.20 10.00 33.49
C PHE A 502 8.21 9.45 32.49
N ALA A 503 7.00 10.00 32.45
CA ALA A 503 5.88 9.43 31.62
C ALA A 503 5.97 9.84 30.15
N THR A 504 6.88 9.19 29.44
CA THR A 504 7.18 9.60 28.07
C THR A 504 6.39 8.80 27.10
N GLY A 505 5.65 7.81 27.56
CA GLY A 505 4.77 7.11 26.68
C GLY A 505 5.43 5.91 26.06
N SER A 506 5.11 5.67 24.80
CA SER A 506 5.57 4.50 24.04
C SER A 506 7.01 4.55 23.79
N VAL A 507 7.68 3.39 23.90
CA VAL A 507 9.08 3.29 23.55
C VAL A 507 9.17 2.76 22.13
N PRO A 508 9.86 3.48 21.25
CA PRO A 508 9.83 3.17 19.79
C PRO A 508 10.06 1.68 19.39
N ILE A 509 11.22 1.13 19.69
CA ILE A 509 11.54 -0.17 19.15
C ILE A 509 10.59 -1.24 19.69
N PRO A 510 10.36 -1.33 20.98
CA PRO A 510 9.33 -2.28 21.47
C PRO A 510 7.95 -2.04 20.90
N TRP A 511 7.59 -0.78 20.81
CA TRP A 511 6.29 -0.41 20.24
C TRP A 511 6.11 -0.89 18.80
N GLN A 512 7.07 -0.56 17.97
CA GLN A 512 6.99 -0.93 16.57
C GLN A 512 7.04 -2.46 16.50
N ASN A 513 7.87 -3.11 17.30
CA ASN A 513 7.87 -4.61 17.35
C ASN A 513 6.51 -5.16 17.66
N GLU A 514 5.83 -4.52 18.63
CA GLU A 514 4.53 -4.98 19.09
C GLU A 514 3.60 -5.02 17.90
N MET A 515 3.54 -3.91 17.18
CA MET A 515 2.69 -3.77 15.98
C MET A 515 3.03 -4.85 14.93
N VAL A 516 4.31 -5.21 14.77
CA VAL A 516 4.65 -6.23 13.80
C VAL A 516 4.20 -7.58 14.31
N GLU A 517 4.59 -7.97 15.54
CA GLU A 517 4.27 -9.35 16.01
C GLU A 517 2.79 -9.60 16.04
N THR A 518 1.98 -8.61 16.41
CA THR A 518 0.52 -8.85 16.52
C THR A 518 -0.15 -8.83 15.15
N GLU A 519 0.62 -8.48 14.13
CA GLU A 519 0.13 -8.38 12.75
C GLU A 519 -0.76 -7.19 12.50
N CYS A 520 -0.73 -6.20 13.36
CA CYS A 520 -1.43 -4.96 13.08
C CYS A 520 -0.71 -4.21 12.02
N PHE A 521 0.60 -4.26 12.04
CA PHE A 521 1.33 -3.62 10.98
C PHE A 521 0.88 -4.23 9.62
N GLN A 522 1.01 -5.53 9.41
CA GLN A 522 0.77 -6.04 8.07
C GLN A 522 -0.66 -5.77 7.63
N GLU A 523 -1.60 -5.83 8.54
CA GLU A 523 -2.97 -5.64 8.13
C GLU A 523 -3.38 -4.25 7.84
N LEU A 524 -2.89 -3.31 8.63
CA LEU A 524 -3.20 -1.92 8.42
C LEU A 524 -2.29 -1.21 7.46
N ASN A 525 -1.10 -1.74 7.24
CA ASN A 525 -0.09 -1.01 6.49
C ASN A 525 -0.36 -1.13 5.03
N VAL A 526 -0.65 -2.35 4.56
CA VAL A 526 -1.03 -2.68 3.17
C VAL A 526 -2.02 -1.67 2.60
N PHE A 527 -2.16 -1.61 1.29
CA PHE A 527 -2.76 -0.44 0.62
C PHE A 527 -3.05 -0.88 -0.79
N GLY A 528 -4.13 -0.42 -1.38
CA GLY A 528 -4.47 -0.84 -2.76
C GLY A 528 -4.79 -2.34 -2.96
N LEU A 529 -5.64 -2.85 -2.08
CA LEU A 529 -6.26 -4.15 -2.29
C LEU A 529 -7.77 -4.10 -1.97
N ASP A 530 -8.21 -3.04 -1.28
CA ASP A 530 -9.42 -3.00 -0.46
C ASP A 530 -10.69 -2.71 -1.30
N GLY A 531 -10.68 -1.61 -2.07
CA GLY A 531 -11.78 -1.27 -3.02
C GLY A 531 -11.34 -1.37 -4.49
N SER A 532 -10.43 -2.31 -4.77
CA SER A 532 -9.86 -2.53 -6.10
C SER A 532 -10.60 -3.66 -6.83
N LYS B 14 14.77 2.66 -25.15
CA LYS B 14 15.62 1.82 -26.06
C LYS B 14 14.91 0.52 -26.34
N ALA B 15 14.89 0.11 -27.62
CA ALA B 15 13.93 -0.91 -28.12
C ALA B 15 14.46 -2.35 -28.30
N ARG B 16 13.55 -3.25 -28.69
CA ARG B 16 13.80 -4.68 -28.88
C ARG B 16 12.54 -5.39 -29.43
N LYS B 24 2.28 -9.47 -21.38
CA LYS B 24 1.24 -9.53 -22.45
C LYS B 24 1.41 -8.36 -23.44
N GLY B 25 2.57 -8.35 -24.14
CA GLY B 25 2.98 -7.24 -25.05
C GLY B 25 3.80 -6.15 -24.37
N LYS B 26 3.73 -6.09 -23.04
CA LYS B 26 4.46 -5.10 -22.26
C LYS B 26 5.94 -5.29 -22.52
N SER B 27 6.66 -4.19 -22.67
CA SER B 27 8.14 -4.18 -22.62
C SER B 27 8.70 -4.88 -21.40
N LYS B 28 9.87 -5.50 -21.51
CA LYS B 28 10.59 -5.99 -20.32
C LYS B 28 10.94 -4.84 -19.38
N LYS B 29 11.13 -3.63 -19.91
CA LYS B 29 11.41 -2.41 -19.10
C LYS B 29 10.15 -1.70 -18.49
N TRP B 30 8.98 -2.34 -18.51
CA TRP B 30 7.76 -1.57 -18.21
C TRP B 30 7.74 -0.96 -16.82
N ARG B 31 8.29 -1.68 -15.84
CA ARG B 31 8.27 -1.23 -14.46
C ARG B 31 9.07 0.05 -14.32
N GLN B 32 10.15 0.17 -15.08
CA GLN B 32 10.95 1.41 -15.06
C GLN B 32 10.25 2.54 -15.78
N MET B 33 9.59 2.23 -16.90
CA MET B 33 8.94 3.24 -17.70
C MET B 33 7.87 3.90 -16.87
N LEU B 34 7.22 3.11 -16.02
CA LEU B 34 6.19 3.63 -15.14
C LEU B 34 6.62 3.88 -13.68
N GLN B 35 7.92 3.89 -13.41
CA GLN B 35 8.39 4.17 -12.08
C GLN B 35 7.84 5.48 -11.54
N PHE B 36 7.34 5.46 -10.31
CA PHE B 36 6.72 6.63 -9.73
C PHE B 36 7.73 7.72 -9.45
N PRO B 37 7.31 8.97 -9.47
CA PRO B 37 8.18 10.09 -9.09
C PRO B 37 8.37 10.19 -7.59
N HIS B 38 9.22 11.10 -7.16
CA HIS B 38 9.27 11.48 -5.76
C HIS B 38 8.04 12.27 -5.40
N ILE B 39 7.72 12.31 -4.11
CA ILE B 39 6.55 13.03 -3.62
C ILE B 39 6.72 14.54 -3.87
N SER B 40 7.91 15.06 -3.61
CA SER B 40 8.24 16.44 -3.82
C SER B 40 7.96 16.85 -5.25
N GLN B 41 8.36 16.02 -6.21
CA GLN B 41 8.08 16.30 -7.62
C GLN B 41 6.59 16.45 -7.94
N CYS B 42 5.71 15.96 -7.08
CA CYS B 42 4.27 16.11 -7.28
C CYS B 42 3.67 17.33 -6.57
N GLU B 43 4.48 18.30 -6.17
CA GLU B 43 3.93 19.38 -5.34
C GLU B 43 3.30 20.45 -6.21
N GLU B 44 4.03 20.92 -7.22
CA GLU B 44 3.46 21.94 -8.11
C GLU B 44 2.13 21.35 -8.58
N LEU B 45 2.20 20.09 -8.98
CA LEU B 45 1.08 19.36 -9.50
C LEU B 45 -0.10 19.34 -8.54
N ARG B 46 0.13 19.14 -7.25
CA ARG B 46 -0.97 19.27 -6.33
C ARG B 46 -1.55 20.64 -6.65
N LEU B 47 -0.86 21.71 -6.27
CA LEU B 47 -1.41 23.10 -6.32
C LEU B 47 -2.01 23.52 -7.67
N SER B 48 -1.43 23.02 -8.76
CA SER B 48 -1.99 23.15 -10.10
C SER B 48 -3.40 22.56 -10.32
N LEU B 49 -3.75 21.47 -9.63
CA LEU B 49 -4.98 20.73 -9.95
C LEU B 49 -6.20 21.38 -9.36
N GLU B 50 -7.33 21.17 -10.04
CA GLU B 50 -8.61 21.72 -9.61
C GLU B 50 -9.29 20.83 -8.54
N ARG B 51 -9.70 21.46 -7.45
CA ARG B 51 -10.27 20.73 -6.35
C ARG B 51 -11.75 20.38 -6.60
N ASP B 52 -12.00 19.40 -7.46
CA ASP B 52 -13.35 19.05 -7.85
C ASP B 52 -13.63 17.56 -7.58
N TYR B 53 -14.48 17.29 -6.61
CA TYR B 53 -14.75 15.90 -6.24
C TYR B 53 -15.19 15.07 -7.44
N HIS B 54 -16.18 15.56 -8.20
CA HIS B 54 -16.78 14.75 -9.28
C HIS B 54 -15.66 14.21 -10.22
N SER B 55 -14.74 15.09 -10.62
CA SER B 55 -13.63 14.73 -11.51
C SER B 55 -12.68 13.75 -10.82
N LEU B 56 -12.16 14.16 -9.66
CA LEU B 56 -11.10 13.45 -8.94
C LEU B 56 -11.51 12.11 -8.38
N CYS B 57 -12.80 11.96 -8.09
CA CYS B 57 -13.23 10.78 -7.41
C CYS B 57 -14.30 10.00 -8.15
N GLU B 58 -14.84 10.54 -9.24
CA GLU B 58 -15.83 9.77 -10.04
C GLU B 58 -15.40 9.59 -11.48
N ARG B 59 -15.06 10.68 -12.16
CA ARG B 59 -14.71 10.63 -13.59
C ARG B 59 -13.33 10.03 -13.87
N ASN B 60 -12.25 10.52 -13.24
CA ASN B 60 -10.90 10.04 -13.50
C ASN B 60 -10.95 8.57 -13.02
N PRO B 61 -10.87 7.56 -13.88
CA PRO B 61 -10.93 6.17 -13.39
C PRO B 61 -9.98 5.81 -12.24
N ILE B 62 -8.74 6.28 -12.27
CA ILE B 62 -7.80 6.00 -11.17
C ILE B 62 -8.15 6.75 -9.88
N GLY B 63 -8.60 7.99 -10.03
CA GLY B 63 -9.04 8.79 -8.90
C GLY B 63 -10.20 8.09 -8.24
N ARG B 64 -11.13 7.63 -9.05
CA ARG B 64 -12.23 6.82 -8.54
C ARG B 64 -11.75 5.60 -7.74
N LEU B 65 -10.84 4.82 -8.28
CA LEU B 65 -10.37 3.63 -7.56
C LEU B 65 -9.61 3.92 -6.26
N LEU B 66 -8.85 5.00 -6.26
CA LEU B 66 -8.08 5.38 -5.08
C LEU B 66 -9.02 5.94 -4.04
N PHE B 67 -9.96 6.76 -4.45
CA PHE B 67 -10.96 7.19 -3.51
C PHE B 67 -11.68 6.00 -2.90
N ARG B 68 -12.01 5.02 -3.70
CA ARG B 68 -12.65 3.86 -3.14
C ARG B 68 -11.80 3.14 -2.13
N GLU B 69 -10.50 3.14 -2.33
CA GLU B 69 -9.61 2.38 -1.50
C GLU B 69 -9.49 3.12 -0.20
N PHE B 70 -9.51 4.46 -0.27
CA PHE B 70 -9.60 5.28 0.93
C PHE B 70 -10.80 4.95 1.76
N CYS B 71 -11.96 4.93 1.12
CA CYS B 71 -13.21 4.56 1.73
C CYS B 71 -13.21 3.20 2.37
N ALA B 72 -12.45 2.27 1.80
CA ALA B 72 -12.46 0.95 2.35
C ALA B 72 -11.87 0.93 3.76
N THR B 73 -11.11 1.97 4.15
CA THR B 73 -10.46 2.00 5.46
C THR B 73 -11.43 2.26 6.57
N ARG B 74 -12.58 2.85 6.23
CA ARG B 74 -13.56 3.29 7.21
C ARG B 74 -14.93 2.69 6.93
N PRO B 75 -15.55 2.02 7.92
CA PRO B 75 -16.80 1.28 7.67
C PRO B 75 -17.95 2.12 7.14
N GLU B 76 -18.03 3.39 7.60
CA GLU B 76 -19.11 4.27 7.21
C GLU B 76 -18.92 4.65 5.74
N LEU B 77 -17.69 4.94 5.30
CA LEU B 77 -17.47 5.33 3.90
C LEU B 77 -17.67 4.14 3.00
N SER B 78 -17.20 3.01 3.48
CA SER B 78 -17.36 1.75 2.76
C SER B 78 -18.80 1.26 2.55
N ARG B 79 -19.75 1.59 3.44
CA ARG B 79 -21.14 1.21 3.18
C ARG B 79 -21.78 2.13 2.12
N CYS B 80 -21.40 3.40 2.07
CA CYS B 80 -21.83 4.27 1.00
C CYS B 80 -21.42 3.69 -0.34
N VAL B 81 -20.14 3.36 -0.49
CA VAL B 81 -19.69 2.83 -1.77
C VAL B 81 -20.46 1.55 -2.07
N ALA B 82 -20.67 0.68 -1.08
CA ALA B 82 -21.38 -0.57 -1.32
C ALA B 82 -22.77 -0.27 -1.86
N PHE B 83 -23.39 0.76 -1.29
CA PHE B 83 -24.73 1.19 -1.70
C PHE B 83 -24.72 1.71 -3.15
N LEU B 84 -23.75 2.55 -3.51
CA LEU B 84 -23.63 3.06 -4.87
C LEU B 84 -23.44 1.91 -5.84
N ASP B 85 -22.55 0.96 -5.54
CA ASP B 85 -22.46 -0.29 -6.31
C ASP B 85 -23.76 -1.07 -6.38
N GLY B 86 -24.48 -1.05 -5.26
CA GLY B 86 -25.77 -1.73 -5.22
C GLY B 86 -26.75 -1.17 -6.24
N VAL B 87 -26.79 0.15 -6.35
CA VAL B 87 -27.68 0.85 -7.27
C VAL B 87 -27.27 0.64 -8.75
N ALA B 88 -26.01 0.96 -9.06
CA ALA B 88 -25.48 0.76 -10.39
C ALA B 88 -25.83 -0.64 -10.91
N GLU B 89 -25.75 -1.65 -10.04
CA GLU B 89 -26.07 -3.03 -10.40
C GLU B 89 -27.60 -3.21 -10.59
N TYR B 90 -28.37 -2.59 -9.71
CA TYR B 90 -29.83 -2.64 -9.81
C TYR B 90 -30.30 -1.98 -11.09
N GLU B 91 -29.65 -0.88 -11.48
CA GLU B 91 -29.99 -0.19 -12.71
C GLU B 91 -29.85 -1.02 -13.99
N VAL B 92 -28.91 -1.95 -14.02
CA VAL B 92 -28.70 -2.77 -15.21
C VAL B 92 -29.23 -4.19 -15.01
N THR B 93 -30.11 -4.37 -14.03
CA THR B 93 -30.64 -5.68 -13.68
C THR B 93 -31.90 -5.93 -14.48
N PRO B 94 -31.96 -7.04 -15.20
CA PRO B 94 -33.13 -7.37 -16.02
C PRO B 94 -34.47 -7.14 -15.31
N ASP B 95 -35.47 -6.74 -16.08
CA ASP B 95 -36.77 -6.34 -15.55
C ASP B 95 -37.41 -7.36 -14.59
N ASP B 96 -37.23 -8.66 -14.85
CA ASP B 96 -37.83 -9.74 -14.01
C ASP B 96 -37.20 -9.86 -12.63
N LYS B 97 -35.90 -9.61 -12.55
CA LYS B 97 -35.17 -9.77 -11.31
C LYS B 97 -35.07 -8.47 -10.51
N ARG B 98 -35.52 -7.36 -11.09
CA ARG B 98 -35.19 -6.05 -10.54
C ARG B 98 -35.89 -5.69 -9.24
N LYS B 99 -37.05 -6.26 -8.97
CA LYS B 99 -37.78 -5.92 -7.74
C LYS B 99 -37.09 -6.56 -6.55
N ALA B 100 -36.69 -7.82 -6.70
CA ALA B 100 -36.02 -8.57 -5.62
C ALA B 100 -34.66 -7.92 -5.33
N CYS B 101 -33.96 -7.56 -6.38
CA CYS B 101 -32.71 -6.89 -6.25
C CYS B 101 -32.85 -5.61 -5.41
N GLY B 102 -33.88 -4.81 -5.64
CA GLY B 102 -34.07 -3.55 -4.91
C GLY B 102 -34.57 -3.74 -3.49
N ARG B 103 -35.33 -4.82 -3.31
CA ARG B 103 -35.74 -5.32 -1.99
C ARG B 103 -34.52 -5.65 -1.10
N ASN B 104 -33.51 -6.22 -1.75
CA ASN B 104 -32.24 -6.55 -1.12
C ASN B 104 -31.49 -5.30 -0.66
N LEU B 105 -31.51 -4.28 -1.50
CA LEU B 105 -30.87 -2.99 -1.23
C LEU B 105 -31.45 -2.29 -0.01
N THR B 106 -32.77 -2.23 0.06
CA THR B 106 -33.43 -1.56 1.19
C THR B 106 -33.24 -2.28 2.50
N GLN B 107 -33.38 -3.61 2.46
CA GLN B 107 -33.19 -4.41 3.66
C GLN B 107 -31.79 -4.16 4.19
N ASN B 108 -30.81 -4.02 3.28
CA ASN B 108 -29.38 -3.87 3.66
C ASN B 108 -28.84 -2.45 3.86
N PHE B 109 -29.53 -1.42 3.38
CA PHE B 109 -29.02 -0.04 3.58
C PHE B 109 -30.06 0.98 4.09
N LEU B 110 -31.32 0.59 4.21
CA LEU B 110 -32.39 1.48 4.67
C LEU B 110 -33.23 0.92 5.84
N SER B 111 -32.75 -0.18 6.43
CA SER B 111 -33.43 -0.83 7.55
C SER B 111 -33.72 0.18 8.67
N HIS B 112 -34.92 0.12 9.19
CA HIS B 112 -35.28 0.99 10.32
C HIS B 112 -34.46 0.66 11.59
N THR B 113 -33.75 -0.47 11.59
CA THR B 113 -32.88 -0.87 12.70
C THR B 113 -31.40 -0.81 12.34
N GLY B 114 -31.12 -0.56 11.07
CA GLY B 114 -29.76 -0.53 10.60
C GLY B 114 -29.20 0.84 10.86
N PRO B 115 -27.92 0.99 10.61
CA PRO B 115 -27.30 2.31 10.71
C PRO B 115 -27.70 3.20 9.55
N ASP B 116 -28.03 4.44 9.89
CA ASP B 116 -28.21 5.49 8.90
C ASP B 116 -27.14 5.45 7.79
N LEU B 117 -27.62 5.43 6.54
CA LEU B 117 -26.76 5.33 5.37
C LEU B 117 -25.86 6.55 5.25
N ILE B 118 -26.41 7.73 5.50
CA ILE B 118 -25.62 8.95 5.56
C ILE B 118 -26.20 9.93 6.58
N PRO B 119 -25.42 10.87 7.11
CA PRO B 119 -25.94 11.85 8.05
C PRO B 119 -27.16 12.62 7.57
N GLU B 120 -28.12 12.76 8.48
CA GLU B 120 -29.37 13.51 8.29
C GLU B 120 -30.17 13.12 7.05
N VAL B 121 -30.02 11.86 6.63
CA VAL B 121 -30.86 11.35 5.55
C VAL B 121 -32.31 11.69 5.95
N PRO B 122 -33.05 12.44 5.12
CA PRO B 122 -34.48 12.67 5.41
C PRO B 122 -35.28 11.35 5.37
N ARG B 123 -36.00 11.10 6.44
CA ARG B 123 -36.57 9.79 6.70
C ARG B 123 -37.90 9.60 5.93
N GLN B 124 -38.50 10.71 5.50
CA GLN B 124 -39.62 10.65 4.57
C GLN B 124 -39.19 10.19 3.19
N LEU B 125 -38.07 10.73 2.75
CA LEU B 125 -37.38 10.26 1.56
C LEU B 125 -37.30 8.72 1.55
N VAL B 126 -36.81 8.14 2.63
CA VAL B 126 -36.68 6.68 2.73
C VAL B 126 -38.04 5.96 2.64
N THR B 127 -39.08 6.53 3.26
CA THR B 127 -40.43 5.97 3.18
C THR B 127 -41.00 6.04 1.77
N ASN B 128 -40.71 7.12 1.04
CA ASN B 128 -41.12 7.27 -0.38
C ASN B 128 -40.58 6.08 -1.15
N CYS B 129 -39.29 5.89 -0.96
CA CYS B 129 -38.49 4.88 -1.59
C CYS B 129 -39.02 3.47 -1.40
N THR B 130 -39.23 3.11 -0.12
CA THR B 130 -39.75 1.83 0.31
C THR B 130 -40.94 1.40 -0.50
N GLN B 131 -41.88 2.33 -0.59
CA GLN B 131 -43.21 2.07 -1.10
C GLN B 131 -43.35 2.37 -2.58
N ARG B 132 -42.49 3.24 -3.11
CA ARG B 132 -42.39 3.43 -4.55
C ARG B 132 -41.88 2.14 -5.22
N LEU B 133 -40.91 1.47 -4.59
CA LEU B 133 -40.41 0.14 -5.04
C LEU B 133 -41.49 -0.93 -5.00
N GLU B 134 -42.18 -0.99 -3.85
CA GLU B 134 -43.27 -1.94 -3.65
C GLU B 134 -44.33 -1.92 -4.75
N GLN B 135 -44.43 -0.83 -5.53
CA GLN B 135 -45.39 -0.72 -6.68
C GLN B 135 -44.77 -0.73 -8.08
N GLY B 136 -43.47 -0.55 -8.18
CA GLY B 136 -42.86 -0.28 -9.48
C GLY B 136 -41.37 -0.11 -9.34
N PRO B 137 -40.63 -1.19 -9.60
CA PRO B 137 -39.16 -1.16 -9.55
C PRO B 137 -38.48 -0.36 -10.69
N CYS B 138 -38.96 0.85 -10.97
CA CYS B 138 -38.34 1.72 -11.98
C CYS B 138 -36.92 2.12 -11.55
N LYS B 139 -36.07 2.40 -12.52
CA LYS B 139 -34.61 2.46 -12.31
C LYS B 139 -34.13 3.80 -11.69
N ASP B 140 -35.10 4.66 -11.37
CA ASP B 140 -34.90 6.00 -10.76
C ASP B 140 -34.99 6.00 -9.25
N LEU B 141 -35.88 5.14 -8.74
CA LEU B 141 -36.12 4.97 -7.30
C LEU B 141 -35.02 5.47 -6.33
N PHE B 142 -33.78 5.08 -6.58
CA PHE B 142 -32.67 5.37 -5.70
C PHE B 142 -31.88 6.59 -6.09
N GLN B 143 -32.49 7.45 -6.87
CA GLN B 143 -31.81 8.60 -7.43
C GLN B 143 -31.53 9.63 -6.39
N GLU B 144 -32.53 9.94 -5.59
CA GLU B 144 -32.35 10.95 -4.59
C GLU B 144 -31.33 10.51 -3.54
N LEU B 145 -31.36 9.23 -3.17
CA LEU B 145 -30.44 8.72 -2.18
C LEU B 145 -29.01 8.73 -2.69
N THR B 146 -28.82 8.19 -3.90
CA THR B 146 -27.59 8.29 -4.69
C THR B 146 -27.04 9.70 -4.64
N ARG B 147 -27.87 10.67 -4.98
CA ARG B 147 -27.43 12.05 -5.09
C ARG B 147 -27.02 12.61 -3.69
N LEU B 148 -27.81 12.29 -2.66
CA LEU B 148 -27.43 12.65 -1.28
C LEU B 148 -26.16 11.91 -0.76
N THR B 149 -25.94 10.66 -1.18
CA THR B 149 -24.68 9.97 -0.87
C THR B 149 -23.47 10.73 -1.45
N HIS B 150 -23.47 10.98 -2.76
CA HIS B 150 -22.39 11.69 -3.42
C HIS B 150 -22.21 13.06 -2.73
N GLU B 151 -23.33 13.70 -2.44
CA GLU B 151 -23.28 14.98 -1.74
C GLU B 151 -22.44 14.84 -0.45
N TYR B 152 -22.75 13.82 0.34
CA TYR B 152 -22.04 13.59 1.60
C TYR B 152 -20.56 13.33 1.36
N LEU B 153 -20.29 12.45 0.41
CA LEU B 153 -18.91 12.03 0.11
C LEU B 153 -18.08 13.22 -0.36
N SER B 154 -18.75 14.14 -1.06
CA SER B 154 -18.08 15.28 -1.65
C SER B 154 -17.50 16.26 -0.69
N VAL B 155 -17.89 16.22 0.58
CA VAL B 155 -17.49 17.27 1.51
C VAL B 155 -16.35 16.83 2.40
N ALA B 156 -16.67 16.17 3.51
CA ALA B 156 -15.66 15.72 4.48
C ALA B 156 -14.82 14.47 4.04
N PRO B 157 -15.44 13.36 3.63
CA PRO B 157 -14.66 12.25 3.13
C PRO B 157 -13.67 12.75 2.04
N PHE B 158 -14.15 13.64 1.17
CA PHE B 158 -13.29 14.24 0.18
C PHE B 158 -12.10 14.95 0.81
N ALA B 159 -12.34 15.87 1.73
CA ALA B 159 -11.25 16.62 2.38
C ALA B 159 -10.27 15.71 3.08
N ASP B 160 -10.78 14.61 3.63
CA ASP B 160 -9.91 13.66 4.29
C ASP B 160 -9.09 12.91 3.26
N TYR B 161 -9.77 12.39 2.24
CA TYR B 161 -9.10 11.77 1.09
C TYR B 161 -7.91 12.57 0.56
N LEU B 162 -8.12 13.86 0.33
CA LEU B 162 -7.07 14.76 -0.18
C LEU B 162 -5.85 14.79 0.72
N ASP B 163 -6.11 14.68 2.02
CA ASP B 163 -5.05 14.70 3.04
C ASP B 163 -4.66 13.28 3.45
N SER B 164 -4.93 12.29 2.59
CA SER B 164 -4.52 10.94 2.83
C SER B 164 -3.41 10.51 1.89
N ILE B 165 -2.83 9.37 2.26
CA ILE B 165 -1.78 8.80 1.48
C ILE B 165 -2.31 8.37 0.15
N TYR B 166 -3.61 8.14 0.06
CA TYR B 166 -4.16 7.63 -1.19
C TYR B 166 -4.13 8.72 -2.27
N PHE B 167 -4.26 9.98 -1.87
CA PHE B 167 -4.14 11.12 -2.78
C PHE B 167 -2.70 11.37 -3.19
N ASN B 168 -1.74 11.10 -2.31
CA ASN B 168 -0.33 11.16 -2.71
C ASN B 168 -0.17 10.18 -3.86
N ARG B 169 -0.64 8.95 -3.64
CA ARG B 169 -0.58 7.96 -4.69
C ARG B 169 -1.27 8.49 -5.96
N PHE B 170 -2.43 9.12 -5.81
CA PHE B 170 -3.04 9.68 -7.00
C PHE B 170 -2.14 10.71 -7.74
N LEU B 171 -1.53 11.63 -7.01
CA LEU B 171 -0.74 12.62 -7.66
C LEU B 171 0.37 11.93 -8.45
N GLN B 172 0.86 10.79 -7.93
CA GLN B 172 1.97 10.07 -8.59
C GLN B 172 1.48 9.51 -9.89
N TRP B 173 0.25 9.01 -9.93
CA TRP B 173 -0.27 8.54 -11.22
C TRP B 173 -0.57 9.69 -12.18
N LYS B 174 -0.97 10.83 -11.63
CA LYS B 174 -1.29 11.96 -12.44
C LYS B 174 -0.01 12.45 -13.07
N TRP B 175 1.08 12.39 -12.34
CA TRP B 175 2.34 12.88 -12.84
C TRP B 175 2.81 12.03 -14.02
N LEU B 176 2.59 10.73 -13.92
CA LEU B 176 2.93 9.86 -15.00
C LEU B 176 2.09 10.19 -16.21
N GLU B 177 0.81 10.41 -15.96
CA GLU B 177 -0.14 10.75 -17.00
C GLU B 177 0.29 11.97 -17.81
N ARG B 178 0.96 12.92 -17.16
CA ARG B 178 1.31 14.17 -17.78
C ARG B 178 2.71 14.19 -18.34
N GLN B 179 3.34 13.03 -18.43
CA GLN B 179 4.70 13.00 -18.96
C GLN B 179 4.62 13.11 -20.47
N PRO B 180 5.65 13.69 -21.10
CA PRO B 180 5.75 13.76 -22.57
C PRO B 180 5.49 12.43 -23.27
N VAL B 181 4.72 12.50 -24.34
CA VAL B 181 4.47 11.37 -25.20
C VAL B 181 5.21 11.67 -26.50
N THR B 182 6.00 10.71 -26.95
CA THR B 182 6.71 10.83 -28.22
C THR B 182 6.48 9.53 -28.96
N LYS B 183 7.09 9.39 -30.13
CA LYS B 183 7.00 8.18 -30.95
C LYS B 183 7.58 6.98 -30.19
N ASN B 184 8.44 7.27 -29.20
CA ASN B 184 9.12 6.25 -28.43
C ASN B 184 8.27 5.79 -27.22
N THR B 185 7.04 6.29 -27.11
CA THR B 185 6.06 5.69 -26.19
C THR B 185 5.46 4.43 -26.81
N PHE B 186 5.51 4.34 -28.14
CA PHE B 186 4.82 3.25 -28.88
C PHE B 186 5.72 2.42 -29.80
N ARG B 187 5.23 1.21 -30.10
CA ARG B 187 5.64 0.42 -31.27
C ARG B 187 4.63 0.62 -32.41
N GLN B 188 5.09 0.80 -33.62
CA GLN B 188 4.20 0.91 -34.81
C GLN B 188 4.07 -0.44 -35.49
N TYR B 189 2.89 -0.77 -36.00
CA TYR B 189 2.76 -1.97 -36.83
C TYR B 189 2.17 -1.56 -38.17
N ARG B 190 1.58 -2.53 -38.86
CA ARG B 190 1.19 -2.35 -40.26
C ARG B 190 0.14 -1.27 -40.49
N VAL B 191 0.16 -0.67 -41.67
CA VAL B 191 -0.85 0.30 -42.08
C VAL B 191 -2.24 -0.36 -42.13
N LEU B 192 -3.23 0.36 -41.62
CA LEU B 192 -4.62 -0.12 -41.59
C LEU B 192 -5.42 0.48 -42.72
N GLY B 193 -5.21 1.76 -43.01
CA GLY B 193 -5.82 2.44 -44.16
C GLY B 193 -5.26 3.84 -44.39
N LYS B 194 -5.73 4.51 -45.44
CA LYS B 194 -5.19 5.80 -45.84
C LYS B 194 -6.25 6.86 -45.67
N GLY B 195 -5.86 7.96 -45.03
CA GLY B 195 -6.74 9.09 -44.70
C GLY B 195 -6.24 10.42 -45.27
N GLY B 196 -7.17 11.25 -45.72
CA GLY B 196 -6.86 12.50 -46.44
C GLY B 196 -5.58 13.24 -46.08
N PHE B 197 -5.18 13.17 -44.82
CA PHE B 197 -3.95 13.84 -44.38
C PHE B 197 -2.80 12.89 -44.01
N GLY B 198 -3.02 11.58 -44.10
CA GLY B 198 -1.96 10.63 -43.80
C GLY B 198 -2.46 9.21 -43.67
N GLU B 199 -1.60 8.32 -43.19
CA GLU B 199 -2.03 6.96 -42.97
C GLU B 199 -2.67 6.78 -41.58
N VAL B 200 -3.34 5.63 -41.46
CA VAL B 200 -3.72 5.10 -40.20
C VAL B 200 -3.15 3.70 -40.10
N CYS B 201 -2.52 3.42 -38.98
CA CYS B 201 -1.88 2.15 -38.77
C CYS B 201 -2.10 1.66 -37.33
N ALA B 202 -1.90 0.37 -37.11
CA ALA B 202 -1.99 -0.17 -35.75
C ALA B 202 -0.72 0.20 -34.96
N CYS B 203 -0.85 0.58 -33.69
CA CYS B 203 0.31 0.78 -32.82
C CYS B 203 0.03 0.15 -31.47
N GLN B 204 1.04 0.12 -30.60
CA GLN B 204 0.91 -0.49 -29.26
C GLN B 204 1.75 0.32 -28.28
N VAL B 205 1.19 0.60 -27.11
CA VAL B 205 1.94 1.28 -26.07
C VAL B 205 2.93 0.31 -25.42
N ARG B 206 4.19 0.73 -25.37
CA ARG B 206 5.24 -0.10 -24.87
C ARG B 206 5.05 -0.46 -23.39
N ALA B 207 4.73 0.53 -22.55
CA ALA B 207 4.61 0.28 -21.08
C ALA B 207 3.54 -0.74 -20.69
N THR B 208 2.42 -0.73 -21.43
CA THR B 208 1.20 -1.46 -21.03
C THR B 208 0.78 -2.59 -21.93
N GLY B 209 1.27 -2.62 -23.16
CA GLY B 209 0.85 -3.67 -24.11
C GLY B 209 -0.49 -3.42 -24.82
N LYS B 210 -1.13 -2.29 -24.52
CA LYS B 210 -2.44 -1.97 -25.11
C LYS B 210 -2.29 -1.48 -26.56
N MET B 211 -3.07 -2.10 -27.44
CA MET B 211 -3.18 -1.75 -28.85
C MET B 211 -4.08 -0.55 -29.07
N TYR B 212 -3.74 0.24 -30.07
CA TYR B 212 -4.57 1.33 -30.54
C TYR B 212 -4.41 1.47 -32.04
N ALA B 213 -5.21 2.35 -32.63
CA ALA B 213 -5.00 2.80 -33.98
C ALA B 213 -4.30 4.15 -33.88
N CYS B 214 -3.50 4.46 -34.88
CA CYS B 214 -2.78 5.70 -34.90
C CYS B 214 -2.95 6.47 -36.25
N LYS B 215 -3.68 7.57 -36.22
CA LYS B 215 -3.99 8.33 -37.40
C LYS B 215 -2.97 9.44 -37.49
N LYS B 216 -2.24 9.46 -38.60
CA LYS B 216 -1.25 10.48 -38.82
C LYS B 216 -1.79 11.53 -39.77
N LEU B 217 -1.50 12.78 -39.42
CA LEU B 217 -1.73 13.91 -40.29
C LEU B 217 -0.38 14.53 -40.57
N GLU B 218 -0.02 14.64 -41.85
CA GLU B 218 1.29 15.15 -42.24
C GLU B 218 1.29 16.66 -42.17
N LYS B 219 2.27 17.22 -41.46
CA LYS B 219 2.34 18.66 -41.23
C LYS B 219 2.35 19.40 -42.56
N LYS B 220 3.05 18.83 -43.56
CA LYS B 220 3.08 19.37 -44.94
C LYS B 220 1.71 19.59 -45.53
N ARG B 221 0.86 18.55 -45.46
CA ARG B 221 -0.43 18.54 -46.15
C ARG B 221 -1.47 19.37 -45.41
N ILE B 222 -1.31 19.44 -44.09
CA ILE B 222 -2.13 20.32 -43.26
C ILE B 222 -1.83 21.77 -43.63
N LYS B 223 -0.54 22.12 -43.64
CA LYS B 223 -0.12 23.47 -43.98
C LYS B 223 -0.46 23.81 -45.42
N LYS B 224 -0.33 22.84 -46.34
CA LYS B 224 -0.64 23.09 -47.76
C LYS B 224 -2.13 23.27 -48.00
N ARG B 225 -2.96 22.38 -47.44
CA ARG B 225 -4.42 22.54 -47.51
C ARG B 225 -5.02 23.44 -46.40
N LYS B 226 -4.15 24.08 -45.62
CA LYS B 226 -4.53 24.81 -44.39
C LYS B 226 -5.74 24.25 -43.63
N GLY B 227 -5.61 23.02 -43.12
CA GLY B 227 -6.68 22.36 -42.36
C GLY B 227 -6.35 22.30 -40.87
N GLU B 228 -5.77 23.39 -40.40
CA GLU B 228 -5.26 23.50 -39.05
C GLU B 228 -6.44 23.58 -38.09
N ALA B 229 -7.30 24.57 -38.31
CA ALA B 229 -8.46 24.77 -37.47
C ALA B 229 -9.31 23.51 -37.45
N MET B 230 -9.40 22.86 -38.60
CA MET B 230 -10.21 21.68 -38.72
C MET B 230 -9.59 20.46 -38.06
N ALA B 231 -8.27 20.30 -38.14
CA ALA B 231 -7.62 19.17 -37.51
C ALA B 231 -7.65 19.33 -35.97
N LEU B 232 -7.39 20.55 -35.50
CA LEU B 232 -7.52 20.91 -34.09
C LEU B 232 -8.93 20.66 -33.57
N ASN B 233 -9.94 20.98 -34.37
CA ASN B 233 -11.34 20.76 -33.98
C ASN B 233 -11.64 19.29 -33.78
N GLU B 234 -11.16 18.44 -34.69
CA GLU B 234 -11.39 17.00 -34.58
C GLU B 234 -10.78 16.49 -33.26
N LYS B 235 -9.58 16.99 -32.94
CA LYS B 235 -8.88 16.54 -31.75
C LYS B 235 -9.59 16.98 -30.48
N GLN B 236 -10.01 18.24 -30.44
CA GLN B 236 -10.59 18.78 -29.22
C GLN B 236 -11.94 18.14 -28.92
N ILE B 237 -12.66 17.84 -29.99
CA ILE B 237 -13.90 17.11 -29.87
C ILE B 237 -13.64 15.69 -29.37
N LEU B 238 -12.66 15.02 -29.96
CA LEU B 238 -12.43 13.66 -29.55
C LEU B 238 -12.07 13.57 -28.10
N GLU B 239 -11.33 14.55 -27.59
CA GLU B 239 -10.87 14.45 -26.20
C GLU B 239 -11.96 14.84 -25.22
N LYS B 240 -12.85 15.74 -25.59
CA LYS B 240 -13.93 16.12 -24.69
C LYS B 240 -14.97 15.01 -24.60
N VAL B 241 -15.16 14.23 -25.67
CA VAL B 241 -16.19 13.18 -25.70
C VAL B 241 -15.67 11.97 -24.99
N ASN B 242 -16.52 11.31 -24.21
CA ASN B 242 -16.13 10.08 -23.51
C ASN B 242 -17.25 9.07 -23.55
N SER B 243 -17.32 8.30 -24.64
CA SER B 243 -18.46 7.50 -24.99
C SER B 243 -18.03 6.12 -25.37
N ARG B 244 -18.78 5.14 -24.94
CA ARG B 244 -18.51 3.78 -25.37
C ARG B 244 -18.78 3.60 -26.88
N PHE B 245 -19.52 4.54 -27.47
CA PHE B 245 -19.96 4.45 -28.88
C PHE B 245 -19.30 5.46 -29.80
N VAL B 246 -18.27 6.12 -29.30
CA VAL B 246 -17.47 6.98 -30.13
C VAL B 246 -16.04 6.64 -29.83
N VAL B 247 -15.26 6.58 -30.90
CA VAL B 247 -13.84 6.33 -30.84
C VAL B 247 -13.24 7.35 -29.87
N SER B 248 -12.46 6.85 -28.89
CA SER B 248 -11.74 7.71 -27.95
C SER B 248 -10.32 8.00 -28.39
N LEU B 249 -9.91 9.23 -28.15
CA LEU B 249 -8.55 9.66 -28.33
C LEU B 249 -7.82 9.42 -27.01
N ALA B 250 -6.83 8.54 -27.03
CA ALA B 250 -6.05 8.24 -25.83
C ALA B 250 -4.86 9.20 -25.68
N TYR B 251 -4.27 9.59 -26.81
CA TYR B 251 -3.06 10.39 -26.85
C TYR B 251 -3.08 11.33 -28.04
N ALA B 252 -2.41 12.47 -27.94
CA ALA B 252 -2.16 13.36 -29.10
C ALA B 252 -0.76 13.90 -29.04
N TYR B 253 0.06 13.56 -30.03
CA TYR B 253 1.49 13.96 -30.02
C TYR B 253 2.02 14.27 -31.39
N GLU B 254 3.21 14.86 -31.42
CA GLU B 254 3.86 15.15 -32.70
C GLU B 254 5.13 14.35 -32.97
N THR B 255 5.27 13.97 -34.22
CA THR B 255 6.56 13.51 -34.76
C THR B 255 7.25 14.76 -35.33
N LYS B 256 8.38 14.56 -36.00
CA LYS B 256 9.00 15.62 -36.80
C LYS B 256 8.23 15.87 -38.11
N ASP B 257 7.65 14.82 -38.71
CA ASP B 257 6.75 14.99 -39.92
C ASP B 257 5.23 15.14 -39.69
N ALA B 258 4.70 14.89 -38.49
CA ALA B 258 3.25 14.72 -38.38
C ALA B 258 2.63 15.02 -37.01
N LEU B 259 1.30 15.12 -37.00
CA LEU B 259 0.53 15.18 -35.77
C LEU B 259 -0.25 13.88 -35.68
N CYS B 260 -0.24 13.27 -34.51
CA CYS B 260 -0.90 11.97 -34.33
C CYS B 260 -2.01 12.01 -33.34
N LEU B 261 -3.00 11.18 -33.64
CA LEU B 261 -4.13 10.92 -32.81
C LEU B 261 -4.11 9.42 -32.56
N VAL B 262 -3.91 9.01 -31.32
CA VAL B 262 -4.01 7.61 -30.98
C VAL B 262 -5.42 7.34 -30.52
N LEU B 263 -6.05 6.32 -31.11
CA LEU B 263 -7.48 6.11 -31.02
C LEU B 263 -7.83 4.66 -30.76
N THR B 264 -9.02 4.45 -30.19
CA THR B 264 -9.55 3.13 -30.02
C THR B 264 -9.29 2.34 -31.30
N LEU B 265 -8.72 1.14 -31.18
CA LEU B 265 -8.53 0.26 -32.32
C LEU B 265 -9.81 -0.45 -32.72
N MET B 266 -10.33 -0.12 -33.90
CA MET B 266 -11.52 -0.74 -34.44
C MET B 266 -11.17 -1.61 -35.62
N ASN B 267 -11.16 -2.92 -35.39
CA ASN B 267 -10.52 -3.83 -36.33
C ASN B 267 -11.49 -4.71 -37.09
N GLY B 268 -12.80 -4.52 -36.90
CA GLY B 268 -13.78 -5.38 -37.52
C GLY B 268 -14.36 -4.85 -38.83
N GLY B 269 -13.82 -3.74 -39.33
CA GLY B 269 -14.24 -3.14 -40.58
C GLY B 269 -15.42 -2.21 -40.37
N ASP B 270 -15.78 -1.43 -41.38
CA ASP B 270 -16.87 -0.48 -41.20
C ASP B 270 -18.18 -1.09 -41.71
N LEU B 271 -19.26 -0.31 -41.64
CA LEU B 271 -20.55 -0.81 -42.05
C LEU B 271 -20.78 -0.79 -43.57
N LYS B 272 -20.13 0.11 -44.28
CA LYS B 272 -20.20 0.07 -45.74
C LYS B 272 -19.67 -1.30 -46.21
N PHE B 273 -18.46 -1.66 -45.81
CA PHE B 273 -17.95 -3.01 -46.07
C PHE B 273 -18.94 -4.12 -45.74
N HIS B 274 -19.52 -4.08 -44.54
CA HIS B 274 -20.33 -5.20 -44.04
C HIS B 274 -21.69 -5.35 -44.70
N ILE B 275 -22.32 -4.22 -45.06
CA ILE B 275 -23.62 -4.27 -45.75
C ILE B 275 -23.44 -4.93 -47.14
N TYR B 276 -22.33 -4.61 -47.80
CA TYR B 276 -22.14 -4.89 -49.22
C TYR B 276 -21.25 -6.07 -49.59
N HIS B 277 -20.75 -6.86 -48.63
CA HIS B 277 -19.84 -7.98 -48.98
C HIS B 277 -20.57 -9.33 -49.13
N MET B 278 -21.90 -9.26 -49.24
CA MET B 278 -22.76 -10.44 -49.41
C MET B 278 -22.67 -10.90 -50.86
N ALA B 281 -27.02 -7.69 -50.59
CA ALA B 281 -26.62 -6.73 -49.56
C ALA B 281 -27.72 -6.44 -48.54
N GLY B 282 -27.36 -6.37 -47.26
CA GLY B 282 -28.31 -6.00 -46.22
C GLY B 282 -28.25 -6.94 -45.03
N PHE B 283 -28.92 -6.54 -43.95
CA PHE B 283 -28.85 -7.24 -42.67
C PHE B 283 -30.22 -7.68 -42.23
N PRO B 284 -30.34 -8.85 -41.61
CA PRO B 284 -31.55 -9.18 -40.85
C PRO B 284 -31.93 -8.05 -39.88
N GLU B 285 -33.22 -7.86 -39.66
CA GLU B 285 -33.74 -6.84 -38.74
C GLU B 285 -32.93 -6.80 -37.43
N ALA B 286 -33.00 -7.88 -36.64
CA ALA B 286 -32.31 -7.96 -35.34
C ALA B 286 -30.96 -7.26 -35.37
N ARG B 287 -30.18 -7.56 -36.40
CA ARG B 287 -28.84 -7.01 -36.55
C ARG B 287 -28.83 -5.50 -36.82
N ALA B 288 -29.58 -5.08 -37.83
CA ALA B 288 -29.68 -3.65 -38.17
C ALA B 288 -30.12 -2.83 -36.98
N VAL B 289 -31.09 -3.36 -36.25
CA VAL B 289 -31.63 -2.73 -35.03
C VAL B 289 -30.58 -2.55 -33.93
N PHE B 290 -29.82 -3.60 -33.70
CA PHE B 290 -28.76 -3.56 -32.70
C PHE B 290 -27.79 -2.41 -33.02
N TYR B 291 -27.41 -2.26 -34.29
CA TYR B 291 -26.43 -1.25 -34.66
C TYR B 291 -27.03 0.13 -34.53
N ALA B 292 -28.29 0.28 -34.93
CA ALA B 292 -28.99 1.56 -34.81
C ALA B 292 -29.03 1.95 -33.35
N ALA B 293 -29.29 1.00 -32.45
CA ALA B 293 -29.38 1.34 -31.04
C ALA B 293 -28.01 1.85 -30.56
N GLU B 294 -26.94 1.19 -30.92
CA GLU B 294 -25.66 1.64 -30.47
C GLU B 294 -25.32 3.02 -31.05
N ILE B 295 -25.63 3.26 -32.31
CA ILE B 295 -25.31 4.55 -32.92
C ILE B 295 -26.16 5.64 -32.26
N CYS B 296 -27.42 5.29 -31.98
CA CYS B 296 -28.33 6.17 -31.25
C CYS B 296 -27.70 6.63 -29.92
N CYS B 297 -27.13 5.70 -29.18
CA CYS B 297 -26.39 6.07 -27.96
C CYS B 297 -25.23 6.98 -28.23
N GLY B 298 -24.47 6.65 -29.26
CA GLY B 298 -23.34 7.46 -29.66
C GLY B 298 -23.80 8.88 -29.92
N LEU B 299 -24.91 9.01 -30.66
CA LEU B 299 -25.49 10.33 -30.96
C LEU B 299 -26.01 11.00 -29.70
N GLU B 300 -26.59 10.22 -28.79
CA GLU B 300 -26.98 10.82 -27.51
C GLU B 300 -25.77 11.37 -26.75
N ASP B 301 -24.72 10.56 -26.66
CA ASP B 301 -23.52 11.01 -25.99
C ASP B 301 -22.98 12.26 -26.65
N LEU B 302 -23.05 12.35 -27.96
CA LEU B 302 -22.52 13.51 -28.65
C LEU B 302 -23.34 14.76 -28.45
N HIS B 303 -24.65 14.59 -28.60
CA HIS B 303 -25.54 15.71 -28.41
C HIS B 303 -25.52 16.22 -26.95
N ARG B 304 -25.36 15.33 -25.99
CA ARG B 304 -25.19 15.72 -24.58
C ARG B 304 -24.03 16.71 -24.45
N GLU B 305 -22.95 16.47 -25.18
CA GLU B 305 -21.82 17.38 -25.17
C GLU B 305 -21.99 18.59 -26.13
N ARG B 306 -23.21 18.75 -26.67
CA ARG B 306 -23.55 19.79 -27.65
C ARG B 306 -22.77 19.71 -28.93
N ILE B 307 -22.61 18.48 -29.41
CA ILE B 307 -21.85 18.25 -30.61
C ILE B 307 -22.77 17.62 -31.63
N VAL B 308 -22.83 18.23 -32.81
CA VAL B 308 -23.56 17.67 -33.94
C VAL B 308 -22.48 17.08 -34.83
N TYR B 309 -22.74 15.84 -35.23
CA TYR B 309 -21.75 14.98 -35.86
C TYR B 309 -21.58 15.38 -37.30
N ARG B 310 -22.72 15.31 -38.03
CA ARG B 310 -22.91 15.78 -39.41
C ARG B 310 -22.33 14.91 -40.52
N ASP B 311 -21.71 13.78 -40.19
CA ASP B 311 -21.16 12.92 -41.24
C ASP B 311 -21.47 11.48 -40.94
N LEU B 312 -22.66 11.27 -40.41
CA LEU B 312 -23.16 9.93 -40.21
C LEU B 312 -23.42 9.24 -41.53
N LYS B 313 -22.68 8.18 -41.80
CA LYS B 313 -22.93 7.33 -42.95
C LYS B 313 -22.26 5.98 -42.63
N PRO B 314 -22.58 4.90 -43.34
CA PRO B 314 -22.10 3.57 -42.95
C PRO B 314 -20.56 3.41 -42.93
N GLU B 315 -19.89 4.19 -43.78
CA GLU B 315 -18.43 4.15 -43.86
C GLU B 315 -17.79 4.63 -42.58
N ASN B 316 -18.49 5.49 -41.85
CA ASN B 316 -17.90 6.13 -40.70
C ASN B 316 -18.28 5.46 -39.38
N ILE B 317 -18.95 4.31 -39.47
CA ILE B 317 -19.21 3.48 -38.30
C ILE B 317 -18.31 2.23 -38.33
N LEU B 318 -17.37 2.13 -37.39
CA LEU B 318 -16.39 1.04 -37.38
C LEU B 318 -16.81 -0.04 -36.40
N LEU B 319 -16.46 -1.29 -36.66
CA LEU B 319 -16.74 -2.36 -35.71
C LEU B 319 -15.48 -2.70 -34.96
N ASP B 320 -15.63 -3.22 -33.75
CA ASP B 320 -14.51 -3.72 -32.98
C ASP B 320 -14.52 -5.25 -33.06
N ASP B 321 -13.60 -5.90 -32.36
CA ASP B 321 -13.37 -7.33 -32.50
C ASP B 321 -14.51 -8.19 -31.96
N HIS B 322 -15.35 -7.58 -31.13
CA HIS B 322 -16.48 -8.27 -30.55
C HIS B 322 -17.76 -7.91 -31.34
N GLY B 323 -17.66 -6.96 -32.26
CA GLY B 323 -18.82 -6.53 -33.06
C GLY B 323 -19.69 -5.41 -32.52
N HIS B 324 -19.16 -4.65 -31.57
CA HIS B 324 -19.84 -3.43 -31.15
C HIS B 324 -19.31 -2.32 -32.06
N ILE B 325 -20.10 -1.30 -32.28
CA ILE B 325 -19.70 -0.23 -33.16
C ILE B 325 -19.30 1.04 -32.43
N ARG B 326 -18.60 1.90 -33.17
CA ARG B 326 -18.36 3.26 -32.76
C ARG B 326 -18.36 4.23 -33.91
N ILE B 327 -18.80 5.44 -33.59
CA ILE B 327 -18.77 6.55 -34.48
C ILE B 327 -17.34 6.99 -34.65
N SER B 328 -16.96 7.17 -35.90
CA SER B 328 -15.59 7.45 -36.32
C SER B 328 -15.52 8.67 -37.21
N ASP B 329 -14.32 9.21 -37.37
CA ASP B 329 -14.12 10.37 -38.24
C ASP B 329 -15.02 11.52 -37.84
N LEU B 330 -14.54 12.33 -36.91
CA LEU B 330 -15.31 13.46 -36.45
C LEU B 330 -14.86 14.78 -37.07
N GLY B 331 -14.19 14.75 -38.23
CA GLY B 331 -13.76 15.98 -38.90
C GLY B 331 -14.86 17.01 -39.20
N LEU B 332 -16.08 16.54 -39.43
CA LEU B 332 -17.15 17.48 -39.74
C LEU B 332 -18.00 17.85 -38.53
N ALA B 333 -17.65 17.33 -37.36
CA ALA B 333 -18.42 17.63 -36.15
C ALA B 333 -18.22 19.07 -35.76
N VAL B 334 -19.14 19.58 -34.94
CA VAL B 334 -18.95 20.91 -34.39
C VAL B 334 -19.78 21.13 -33.14
N HIS B 335 -19.29 22.01 -32.30
CA HIS B 335 -19.92 22.39 -31.08
C HIS B 335 -21.03 23.34 -31.47
N VAL B 336 -22.18 23.19 -30.81
CA VAL B 336 -23.30 24.09 -30.99
C VAL B 336 -23.54 24.85 -29.66
N PRO B 337 -23.05 26.08 -29.57
CA PRO B 337 -23.19 26.87 -28.33
C PRO B 337 -24.63 26.93 -27.81
N GLU B 338 -24.77 26.91 -26.49
CA GLU B 338 -26.09 26.93 -25.80
C GLU B 338 -26.99 28.03 -26.34
N GLY B 339 -28.19 27.64 -26.78
CA GLY B 339 -29.19 28.59 -27.28
C GLY B 339 -29.05 29.06 -28.72
N GLN B 340 -27.95 28.75 -29.38
CA GLN B 340 -27.75 29.17 -30.77
C GLN B 340 -28.04 28.04 -31.75
N THR B 341 -27.91 28.37 -33.03
CA THR B 341 -27.99 27.41 -34.13
C THR B 341 -26.71 27.61 -34.93
N ILE B 342 -26.43 26.70 -35.84
CA ILE B 342 -25.34 26.90 -36.80
C ILE B 342 -25.81 26.67 -38.21
N LYS B 343 -24.97 27.06 -39.17
CA LYS B 343 -25.27 27.02 -40.60
C LYS B 343 -24.19 26.25 -41.34
N GLY B 344 -24.54 25.56 -42.42
CA GLY B 344 -23.53 24.99 -43.30
C GLY B 344 -23.91 23.70 -44.00
N ARG B 345 -23.92 23.75 -45.32
CA ARG B 345 -23.97 22.56 -46.16
C ARG B 345 -22.63 21.85 -46.03
N VAL B 346 -22.58 20.81 -45.20
CA VAL B 346 -21.47 19.87 -45.23
C VAL B 346 -22.02 18.46 -45.04
N GLY B 347 -21.21 17.47 -45.40
CA GLY B 347 -21.58 16.08 -45.21
C GLY B 347 -21.48 15.39 -46.52
N THR B 348 -22.01 14.17 -46.63
CA THR B 348 -22.04 13.44 -47.91
C THR B 348 -23.39 13.64 -48.63
N VAL B 349 -23.36 13.71 -49.96
CA VAL B 349 -24.55 14.08 -50.74
C VAL B 349 -25.84 13.31 -50.32
N GLY B 350 -25.81 11.98 -50.34
CA GLY B 350 -27.02 11.18 -50.10
C GLY B 350 -27.58 11.17 -48.70
N TYR B 351 -26.78 11.63 -47.73
CA TYR B 351 -27.05 11.51 -46.27
C TYR B 351 -27.41 12.83 -45.58
N MET B 352 -27.22 13.94 -46.29
CA MET B 352 -27.59 15.26 -45.78
C MET B 352 -29.10 15.47 -45.72
N ALA B 353 -29.56 16.00 -44.59
CA ALA B 353 -30.98 16.27 -44.33
C ALA B 353 -31.49 17.48 -45.13
N PRO B 354 -32.81 17.55 -45.33
CA PRO B 354 -33.45 18.67 -46.04
C PRO B 354 -32.99 20.07 -45.61
N GLU B 355 -33.06 20.37 -44.31
CA GLU B 355 -32.58 21.68 -43.79
C GLU B 355 -31.18 21.99 -44.31
N VAL B 356 -30.31 20.97 -44.34
CA VAL B 356 -28.89 21.18 -44.62
C VAL B 356 -28.75 21.50 -46.09
N VAL B 357 -29.46 20.76 -46.95
CA VAL B 357 -29.33 20.94 -48.40
C VAL B 357 -29.89 22.30 -48.82
N LYS B 358 -30.92 22.76 -48.09
CA LYS B 358 -31.46 24.13 -48.24
C LYS B 358 -30.60 25.21 -47.53
N ASN B 359 -29.40 24.88 -47.06
CA ASN B 359 -28.57 25.78 -46.21
C ASN B 359 -29.39 26.58 -45.18
N GLU B 360 -30.30 25.89 -44.49
CA GLU B 360 -31.01 26.46 -43.34
C GLU B 360 -30.19 26.30 -42.07
N ARG B 361 -30.71 26.83 -40.98
CA ARG B 361 -30.03 26.76 -39.69
C ARG B 361 -30.51 25.55 -38.90
N TYR B 362 -29.60 24.94 -38.13
CA TYR B 362 -29.88 23.72 -37.38
C TYR B 362 -29.09 23.70 -36.09
N THR B 363 -29.58 22.85 -35.18
CA THR B 363 -28.79 22.34 -34.09
C THR B 363 -28.47 20.86 -34.37
N PHE B 364 -29.37 19.94 -34.02
CA PHE B 364 -29.01 18.50 -33.96
C PHE B 364 -29.74 17.62 -34.94
N SER B 365 -30.74 18.18 -35.62
CA SER B 365 -31.66 17.38 -36.43
C SER B 365 -30.97 16.59 -37.56
N PRO B 366 -29.99 17.17 -38.25
CA PRO B 366 -29.32 16.45 -39.33
C PRO B 366 -28.96 15.04 -38.96
N ASP B 367 -28.56 14.84 -37.69
CA ASP B 367 -27.98 13.58 -37.24
C ASP B 367 -29.06 12.50 -37.19
N TRP B 368 -30.24 12.87 -36.74
CA TRP B 368 -31.30 11.90 -36.61
C TRP B 368 -31.82 11.50 -38.00
N TRP B 369 -31.76 12.43 -38.94
CA TRP B 369 -32.02 12.13 -40.33
C TRP B 369 -31.02 11.08 -40.90
N ALA B 370 -29.75 11.33 -40.72
CA ALA B 370 -28.75 10.35 -41.12
C ALA B 370 -28.98 8.96 -40.51
N LEU B 371 -29.37 8.91 -39.23
CA LEU B 371 -29.63 7.64 -38.58
C LEU B 371 -30.71 6.87 -39.33
N GLY B 372 -31.75 7.60 -39.73
CA GLY B 372 -32.80 7.01 -40.54
C GLY B 372 -32.28 6.44 -41.84
N CYS B 373 -31.42 7.20 -42.53
CA CYS B 373 -30.86 6.73 -43.79
C CYS B 373 -30.06 5.49 -43.59
N LEU B 374 -29.31 5.50 -42.49
CA LEU B 374 -28.40 4.43 -42.19
C LEU B 374 -29.21 3.18 -41.81
N LEU B 375 -30.24 3.33 -40.98
CA LEU B 375 -31.11 2.19 -40.68
C LEU B 375 -31.77 1.69 -41.97
N TYR B 376 -32.21 2.63 -42.80
CA TYR B 376 -32.82 2.31 -44.07
C TYR B 376 -31.89 1.45 -44.88
N GLU B 377 -30.66 1.94 -45.03
CA GLU B 377 -29.68 1.33 -45.92
C GLU B 377 -29.25 -0.04 -45.40
N MET B 378 -29.30 -0.22 -44.09
CA MET B 378 -28.93 -1.50 -43.48
C MET B 378 -29.95 -2.58 -43.84
N ILE B 379 -31.21 -2.18 -43.94
CA ILE B 379 -32.27 -3.10 -44.22
C ILE B 379 -32.48 -3.27 -45.73
N ALA B 380 -32.56 -2.14 -46.44
CA ALA B 380 -32.83 -2.11 -47.88
C ALA B 380 -31.66 -2.57 -48.74
N GLY B 381 -30.47 -2.60 -48.15
CA GLY B 381 -29.27 -2.82 -48.91
C GLY B 381 -29.04 -1.69 -49.89
N GLN B 382 -29.65 -0.53 -49.66
CA GLN B 382 -29.45 0.63 -50.53
C GLN B 382 -29.75 1.92 -49.81
N SER B 383 -29.06 2.99 -50.22
CA SER B 383 -29.29 4.35 -49.69
C SER B 383 -30.67 4.83 -50.14
N PRO B 384 -31.35 5.67 -49.38
CA PRO B 384 -32.75 6.00 -49.67
C PRO B 384 -32.96 7.00 -50.81
N PHE B 385 -31.95 7.80 -51.13
CA PHE B 385 -32.04 8.83 -52.19
C PHE B 385 -30.90 8.78 -53.25
N GLN B 386 -29.89 7.95 -52.98
CA GLN B 386 -28.78 7.73 -53.88
C GLN B 386 -28.70 6.23 -54.23
N GLN B 387 -28.26 5.92 -55.44
CA GLN B 387 -28.01 4.52 -55.84
C GLN B 387 -26.76 3.94 -55.15
N LYS B 391 -24.69 6.15 -60.20
CA LYS B 391 -24.95 7.24 -59.27
C LYS B 391 -25.70 8.36 -59.98
N ILE B 392 -26.54 9.05 -59.21
CA ILE B 392 -27.37 10.14 -59.72
C ILE B 392 -26.71 11.47 -59.33
N LYS B 393 -26.88 12.47 -60.20
CA LYS B 393 -26.25 13.79 -60.07
C LYS B 393 -26.69 14.53 -58.81
N ARG B 394 -25.74 15.22 -58.18
CA ARG B 394 -25.96 15.97 -56.92
C ARG B 394 -27.32 16.70 -56.83
N GLU B 395 -27.72 17.36 -57.92
CA GLU B 395 -28.98 18.10 -58.00
C GLU B 395 -30.20 17.22 -57.72
N GLU B 396 -30.33 16.14 -58.49
CA GLU B 396 -31.52 15.30 -58.45
C GLU B 396 -31.65 14.53 -57.14
N VAL B 397 -30.52 14.14 -56.55
CA VAL B 397 -30.53 13.49 -55.24
C VAL B 397 -31.08 14.48 -54.19
N GLU B 398 -30.61 15.73 -54.28
CA GLU B 398 -31.02 16.82 -53.40
C GLU B 398 -32.51 17.15 -53.55
N ARG B 399 -33.01 17.11 -54.78
CA ARG B 399 -34.46 17.24 -55.02
C ARG B 399 -35.26 16.09 -54.40
N LEU B 400 -34.75 14.86 -54.54
CA LEU B 400 -35.42 13.68 -53.96
C LEU B 400 -35.48 13.83 -52.46
N VAL B 401 -34.34 14.21 -51.87
CA VAL B 401 -34.27 14.42 -50.41
C VAL B 401 -35.30 15.45 -49.94
N LYS B 402 -35.35 16.59 -50.62
CA LYS B 402 -36.26 17.65 -50.21
C LYS B 402 -37.71 17.24 -50.44
N GLU B 403 -38.01 16.72 -51.63
CA GLU B 403 -39.39 16.67 -52.11
C GLU B 403 -40.03 15.28 -52.19
N VAL B 404 -39.24 14.20 -52.14
CA VAL B 404 -39.77 12.87 -52.50
C VAL B 404 -39.70 11.86 -51.38
N PRO B 405 -40.83 11.23 -51.07
CA PRO B 405 -40.88 10.14 -50.07
C PRO B 405 -39.97 8.96 -50.41
N GLU B 406 -39.32 8.42 -49.41
CA GLU B 406 -38.53 7.21 -49.58
C GLU B 406 -39.48 6.04 -49.85
N GLU B 407 -38.99 5.00 -50.51
CA GLU B 407 -39.85 3.90 -50.88
C GLU B 407 -39.42 2.71 -50.05
N TYR B 408 -40.40 2.00 -49.49
CA TYR B 408 -40.15 0.79 -48.71
C TYR B 408 -40.53 -0.49 -49.48
N SER B 409 -39.98 -1.63 -49.09
CA SER B 409 -40.34 -2.90 -49.73
C SER B 409 -40.83 -3.84 -48.63
N GLU B 410 -41.22 -5.05 -48.96
CA GLU B 410 -41.56 -5.99 -47.90
C GLU B 410 -40.33 -6.54 -47.17
N ARG B 411 -39.19 -5.87 -47.30
CA ARG B 411 -38.01 -6.19 -46.50
C ARG B 411 -38.11 -5.55 -45.13
N PHE B 412 -38.99 -4.57 -44.99
CA PHE B 412 -39.17 -3.82 -43.74
C PHE B 412 -40.40 -4.35 -42.99
N SER B 413 -40.24 -4.81 -41.75
CA SER B 413 -41.40 -5.06 -40.89
C SER B 413 -42.06 -3.68 -40.70
N PRO B 414 -43.31 -3.64 -40.26
CA PRO B 414 -43.99 -2.34 -40.15
C PRO B 414 -43.20 -1.38 -39.20
N GLN B 415 -42.72 -1.91 -38.09
CA GLN B 415 -42.06 -1.08 -37.10
C GLN B 415 -40.75 -0.48 -37.63
N ALA B 416 -40.02 -1.27 -38.41
CA ALA B 416 -38.84 -0.78 -39.10
C ALA B 416 -39.22 0.41 -39.97
N ARG B 417 -40.22 0.22 -40.84
CA ARG B 417 -40.71 1.29 -41.72
C ARG B 417 -41.19 2.50 -40.91
N SER B 418 -41.84 2.20 -39.78
CA SER B 418 -42.34 3.22 -38.87
C SER B 418 -41.21 4.14 -38.39
N LEU B 419 -40.22 3.54 -37.74
CA LEU B 419 -39.08 4.30 -37.26
C LEU B 419 -38.40 5.06 -38.38
N CYS B 420 -38.07 4.36 -39.46
CA CYS B 420 -37.42 4.96 -40.63
C CYS B 420 -38.08 6.20 -41.13
N SER B 421 -39.38 6.14 -41.38
CA SER B 421 -40.06 7.31 -41.94
C SER B 421 -40.14 8.45 -40.91
N GLN B 422 -40.23 8.11 -39.63
CA GLN B 422 -40.28 9.12 -38.57
C GLN B 422 -38.93 9.81 -38.40
N LEU B 423 -37.86 9.08 -38.69
CA LEU B 423 -36.51 9.64 -38.76
C LEU B 423 -36.23 10.37 -40.08
N LEU B 424 -36.76 9.84 -41.18
CA LEU B 424 -36.61 10.46 -42.52
C LEU B 424 -37.78 11.35 -42.80
N CYS B 425 -38.40 11.81 -41.74
CA CYS B 425 -39.33 12.89 -41.81
C CYS B 425 -38.62 14.15 -42.33
N LYS B 426 -39.26 14.87 -43.27
CA LYS B 426 -38.62 15.96 -44.02
C LYS B 426 -38.53 17.28 -43.24
N ASP B 427 -39.54 17.59 -42.44
CA ASP B 427 -39.56 18.76 -41.54
C ASP B 427 -38.87 18.41 -40.20
N PRO B 428 -37.76 19.07 -39.88
CA PRO B 428 -37.02 18.74 -38.66
C PRO B 428 -37.80 18.96 -37.37
N ALA B 429 -38.77 19.88 -37.39
CA ALA B 429 -39.61 20.11 -36.23
C ALA B 429 -40.34 18.84 -35.82
N GLU B 430 -40.78 18.07 -36.81
CA GLU B 430 -41.61 16.90 -36.57
C GLU B 430 -40.83 15.60 -36.65
N ARG B 431 -39.53 15.68 -36.86
CA ARG B 431 -38.72 14.47 -37.00
C ARG B 431 -38.42 13.83 -35.64
N LEU B 432 -38.48 12.50 -35.56
CA LEU B 432 -38.19 11.79 -34.31
C LEU B 432 -36.76 12.15 -33.86
N GLY B 433 -36.62 12.40 -32.57
CA GLY B 433 -35.36 12.89 -32.02
C GLY B 433 -35.25 14.41 -31.94
N CYS B 434 -36.20 15.13 -32.55
CA CYS B 434 -36.20 16.58 -32.51
C CYS B 434 -37.49 17.20 -32.05
N ARG B 435 -38.44 16.38 -31.62
CA ARG B 435 -39.75 16.90 -31.21
C ARG B 435 -39.75 17.45 -29.76
N GLY B 436 -38.67 17.24 -29.02
CA GLY B 436 -38.58 17.77 -27.67
C GLY B 436 -37.88 16.87 -26.69
N GLY B 437 -37.99 15.54 -26.88
CA GLY B 437 -37.36 14.55 -25.98
C GLY B 437 -36.01 13.93 -26.37
N SER B 438 -35.39 14.45 -27.43
CA SER B 438 -34.06 13.99 -27.88
C SER B 438 -33.96 12.49 -28.12
N ALA B 439 -32.82 11.90 -27.74
CA ALA B 439 -32.55 10.49 -28.03
C ALA B 439 -33.58 9.52 -27.42
N ARG B 440 -34.24 9.94 -26.36
CA ARG B 440 -35.18 9.09 -25.67
C ARG B 440 -36.44 8.80 -26.51
N GLU B 441 -36.92 9.82 -27.23
CA GLU B 441 -37.90 9.63 -28.30
C GLU B 441 -37.55 8.43 -29.18
N VAL B 442 -36.29 8.39 -29.65
CA VAL B 442 -35.89 7.36 -30.59
C VAL B 442 -35.82 6.04 -29.86
N LYS B 443 -35.10 6.05 -28.75
CA LYS B 443 -34.97 4.85 -27.95
C LYS B 443 -36.35 4.22 -27.65
N GLU B 444 -37.36 5.03 -27.40
CA GLU B 444 -38.66 4.50 -27.03
C GLU B 444 -39.49 3.95 -28.21
N HIS B 445 -38.98 4.03 -29.44
CA HIS B 445 -39.72 3.44 -30.55
C HIS B 445 -39.91 1.93 -30.31
N PRO B 446 -41.09 1.41 -30.65
CA PRO B 446 -41.39 -0.03 -30.44
C PRO B 446 -40.43 -0.99 -31.14
N LEU B 447 -39.80 -0.56 -32.22
CA LEU B 447 -38.81 -1.39 -32.90
C LEU B 447 -37.76 -1.92 -31.93
N PHE B 448 -37.38 -1.12 -30.93
CA PHE B 448 -36.42 -1.51 -29.89
C PHE B 448 -37.04 -2.23 -28.70
N LYS B 449 -38.36 -2.43 -28.70
CA LYS B 449 -39.05 -3.19 -27.62
C LYS B 449 -38.18 -4.24 -26.90
N LYS B 450 -37.36 -4.98 -27.66
CA LYS B 450 -36.62 -6.11 -27.13
C LYS B 450 -35.34 -5.77 -26.36
N LEU B 451 -34.84 -4.53 -26.51
CA LEU B 451 -33.51 -4.17 -26.01
C LEU B 451 -33.49 -3.32 -24.77
N ASN B 452 -32.62 -3.69 -23.85
CA ASN B 452 -32.48 -3.02 -22.57
C ASN B 452 -31.37 -1.95 -22.67
N PHE B 453 -31.71 -0.66 -22.81
CA PHE B 453 -30.68 0.38 -23.08
C PHE B 453 -29.65 0.61 -22.00
N LYS B 454 -30.04 0.40 -20.78
CA LYS B 454 -29.09 0.52 -19.70
C LYS B 454 -28.00 -0.49 -19.92
N ARG B 455 -28.39 -1.73 -20.19
CA ARG B 455 -27.42 -2.81 -20.43
C ARG B 455 -26.59 -2.60 -21.72
N LEU B 456 -27.26 -2.23 -22.80
CA LEU B 456 -26.54 -1.86 -24.03
C LEU B 456 -25.51 -0.75 -23.74
N GLY B 457 -25.91 0.24 -22.93
CA GLY B 457 -25.09 1.40 -22.64
C GLY B 457 -23.88 1.08 -21.78
N ALA B 458 -23.98 -0.02 -21.02
CA ALA B 458 -22.90 -0.52 -20.19
C ALA B 458 -22.25 -1.74 -20.87
N GLY B 459 -22.51 -1.93 -22.17
CA GLY B 459 -21.84 -2.93 -22.98
C GLY B 459 -22.11 -4.37 -22.61
N MET B 460 -23.25 -4.64 -21.95
CA MET B 460 -23.56 -5.99 -21.43
C MET B 460 -24.38 -6.88 -22.35
N LEU B 461 -24.77 -6.39 -23.52
CA LEU B 461 -25.56 -7.18 -24.46
C LEU B 461 -24.65 -7.63 -25.58
N GLU B 462 -24.61 -8.93 -25.85
CA GLU B 462 -23.78 -9.48 -26.91
C GLU B 462 -24.33 -9.05 -28.29
N PRO B 463 -23.49 -8.57 -29.21
CA PRO B 463 -23.96 -8.28 -30.57
C PRO B 463 -24.34 -9.57 -31.30
N PRO B 464 -25.22 -9.47 -32.29
CA PRO B 464 -25.58 -10.63 -33.09
C PRO B 464 -24.45 -11.13 -33.98
N PHE B 465 -23.59 -10.22 -34.47
CA PHE B 465 -22.52 -10.59 -35.39
C PHE B 465 -21.14 -10.36 -34.77
N LYS B 466 -20.25 -11.33 -34.93
CA LYS B 466 -18.86 -11.22 -34.53
C LYS B 466 -17.96 -11.33 -35.77
N PRO B 467 -17.12 -10.32 -36.06
CA PRO B 467 -16.31 -10.33 -37.28
C PRO B 467 -15.16 -11.34 -37.30
N ASP B 468 -14.54 -11.45 -38.47
CA ASP B 468 -13.35 -12.26 -38.63
C ASP B 468 -12.15 -11.63 -37.97
N PRO B 469 -11.43 -12.42 -37.16
CA PRO B 469 -10.14 -11.98 -36.59
C PRO B 469 -9.13 -11.65 -37.70
N GLN B 470 -9.09 -10.36 -38.08
CA GLN B 470 -8.20 -9.89 -39.16
C GLN B 470 -6.82 -9.41 -38.64
N ALA B 471 -5.75 -10.01 -39.18
CA ALA B 471 -4.39 -10.02 -38.58
C ALA B 471 -3.72 -8.68 -38.23
N ILE B 472 -2.65 -8.74 -37.45
CA ILE B 472 -1.82 -7.57 -37.11
C ILE B 472 -0.35 -7.97 -36.83
N TYR B 473 0.58 -7.24 -37.43
CA TYR B 473 2.03 -7.53 -37.31
C TYR B 473 2.86 -6.58 -38.17
N GLU B 492 6.41 29.49 -39.82
CA GLU B 492 6.72 28.42 -38.90
C GLU B 492 6.37 28.77 -37.44
N PRO B 493 6.46 30.05 -37.02
CA PRO B 493 5.92 30.48 -35.70
C PRO B 493 4.40 30.22 -35.45
N THR B 494 3.58 30.49 -36.46
CA THR B 494 2.16 30.07 -36.53
C THR B 494 2.04 28.58 -36.26
N ASP B 495 2.76 27.84 -37.10
CA ASP B 495 2.66 26.38 -37.15
C ASP B 495 3.19 25.77 -35.83
N GLN B 496 4.29 26.30 -35.29
CA GLN B 496 4.82 25.81 -34.00
C GLN B 496 3.91 26.16 -32.83
N ASP B 497 3.18 27.24 -33.00
CA ASP B 497 2.13 27.65 -32.06
C ASP B 497 0.95 26.66 -32.14
N PHE B 498 0.55 26.35 -33.37
CA PHE B 498 -0.51 25.37 -33.64
C PHE B 498 -0.12 23.96 -33.15
N TYR B 499 1.11 23.52 -33.42
CA TYR B 499 1.56 22.17 -33.00
C TYR B 499 1.50 22.01 -31.48
N GLN B 500 1.88 23.06 -30.75
CA GLN B 500 1.85 23.06 -29.28
C GLN B 500 0.42 23.00 -28.73
N LYS B 501 -0.51 23.74 -29.35
CA LYS B 501 -1.93 23.65 -29.00
C LYS B 501 -2.50 22.26 -29.27
N PHE B 502 -1.94 21.56 -30.24
CA PHE B 502 -2.45 20.25 -30.64
C PHE B 502 -1.92 19.09 -29.79
N ALA B 503 -0.58 19.04 -29.67
CA ALA B 503 0.16 17.91 -29.09
C ALA B 503 0.21 17.98 -27.58
N THR B 504 -0.90 17.64 -26.95
CA THR B 504 -1.08 17.81 -25.51
C THR B 504 -0.77 16.54 -24.77
N GLY B 505 -0.58 15.43 -25.48
CA GLY B 505 -0.10 14.22 -24.86
C GLY B 505 -1.24 13.33 -24.43
N SER B 506 -1.08 12.72 -23.26
CA SER B 506 -2.03 11.74 -22.75
C SER B 506 -3.39 12.36 -22.45
N VAL B 507 -4.47 11.64 -22.75
CA VAL B 507 -5.79 12.08 -22.38
C VAL B 507 -6.27 11.33 -21.11
N PRO B 508 -6.64 12.09 -20.07
CA PRO B 508 -6.78 11.53 -18.69
C PRO B 508 -7.64 10.28 -18.58
N ILE B 509 -8.87 10.34 -19.06
CA ILE B 509 -9.76 9.22 -18.83
C ILE B 509 -9.32 7.95 -19.57
N PRO B 510 -9.19 7.97 -20.89
CA PRO B 510 -8.61 6.81 -21.58
C PRO B 510 -7.25 6.38 -21.06
N TRP B 511 -6.40 7.34 -20.71
CA TRP B 511 -5.10 6.95 -20.17
C TRP B 511 -5.23 6.14 -18.88
N GLN B 512 -6.02 6.67 -17.94
CA GLN B 512 -6.19 6.01 -16.65
C GLN B 512 -6.91 4.68 -16.88
N ASN B 513 -7.86 4.67 -17.79
CA ASN B 513 -8.48 3.40 -18.16
C ASN B 513 -7.48 2.39 -18.67
N GLU B 514 -6.57 2.85 -19.53
CA GLU B 514 -5.56 1.99 -20.15
C GLU B 514 -4.79 1.29 -19.02
N MET B 515 -4.27 2.08 -18.08
CA MET B 515 -3.56 1.53 -16.92
C MET B 515 -4.36 0.48 -16.13
N VAL B 516 -5.65 0.72 -15.93
CA VAL B 516 -6.45 -0.24 -15.21
C VAL B 516 -6.68 -1.51 -16.03
N GLU B 517 -7.01 -1.35 -17.31
CA GLU B 517 -7.32 -2.53 -18.16
C GLU B 517 -6.16 -3.49 -18.33
N THR B 518 -4.99 -2.94 -18.51
CA THR B 518 -3.77 -3.74 -18.70
C THR B 518 -3.19 -4.29 -17.38
N GLU B 519 -3.77 -3.88 -16.26
CA GLU B 519 -3.39 -4.31 -14.91
C GLU B 519 -2.11 -3.68 -14.41
N CYS B 520 -1.64 -2.64 -15.07
CA CYS B 520 -0.51 -1.89 -14.57
C CYS B 520 -0.87 -1.21 -13.30
N PHE B 521 -2.09 -0.68 -13.24
CA PHE B 521 -2.52 -0.07 -12.02
C PHE B 521 -2.45 -1.05 -10.85
N GLN B 522 -3.15 -2.16 -10.97
CA GLN B 522 -3.19 -3.11 -9.87
C GLN B 522 -1.83 -3.58 -9.46
N GLU B 523 -0.93 -3.78 -10.40
CA GLU B 523 0.36 -4.37 -10.06
C GLU B 523 1.33 -3.38 -9.45
N LEU B 524 1.30 -2.13 -9.92
CA LEU B 524 2.18 -1.09 -9.41
C LEU B 524 1.60 -0.24 -8.31
N ASN B 525 0.29 -0.25 -8.17
CA ASN B 525 -0.33 0.62 -7.20
C ASN B 525 -0.22 0.09 -5.81
N VAL B 526 -0.45 -1.21 -5.65
CA VAL B 526 -0.32 -1.93 -4.40
C VAL B 526 0.98 -1.59 -3.67
N PHE B 527 1.02 -1.90 -2.38
CA PHE B 527 1.99 -1.28 -1.46
C PHE B 527 1.99 -2.10 -0.21
N GLY B 528 3.15 -2.35 0.37
CA GLY B 528 3.28 -3.14 1.60
C GLY B 528 2.87 -4.60 1.41
N LEU B 529 3.44 -5.21 0.38
CA LEU B 529 3.40 -6.67 0.22
C LEU B 529 4.75 -7.29 -0.14
N ASP B 530 5.67 -6.41 -0.56
CA ASP B 530 6.83 -6.79 -1.36
C ASP B 530 8.07 -7.19 -0.50
N GLY B 531 8.48 -6.34 0.44
CA GLY B 531 9.55 -6.69 1.40
C GLY B 531 9.07 -7.04 2.81
N SER B 532 7.81 -7.52 2.90
CA SER B 532 7.11 -7.78 4.17
C SER B 532 7.36 -9.18 4.74
N VAL B 533 7.42 -10.21 3.89
CA VAL B 533 7.72 -11.56 4.39
C VAL B 533 9.21 -11.59 4.91
N PRO B 534 9.44 -11.71 6.22
CA PRO B 534 10.79 -11.49 6.80
C PRO B 534 11.95 -12.32 6.16
N PRO B 535 13.21 -11.90 6.40
CA PRO B 535 14.40 -12.40 5.65
C PRO B 535 14.21 -13.62 4.72
#